data_1K2L
# 
_entry.id   1K2L 
# 
_audit_conform.dict_name       mmcif_pdbx.dic 
_audit_conform.dict_version    5.386 
_audit_conform.dict_location   http://mmcif.pdb.org/dictionaries/ascii/mmcif_pdbx.dic 
# 
loop_
_database_2.database_id 
_database_2.database_code 
_database_2.pdbx_database_accession 
_database_2.pdbx_DOI 
PDB   1K2L         pdb_00001k2l 10.2210/pdb1k2l/pdb 
NDB   DD0045       ?            ?                   
RCSB  RCSB014481   ?            ?                   
WWPDB D_1000014481 ?            ?                   
# 
loop_
_pdbx_audit_revision_history.ordinal 
_pdbx_audit_revision_history.data_content_type 
_pdbx_audit_revision_history.major_revision 
_pdbx_audit_revision_history.minor_revision 
_pdbx_audit_revision_history.revision_date 
1 'Structure model' 1 0 2002-10-16 
2 'Structure model' 1 1 2008-04-27 
3 'Structure model' 1 2 2011-07-13 
4 'Structure model' 1 3 2024-02-07 
# 
_pdbx_audit_revision_details.ordinal             1 
_pdbx_audit_revision_details.revision_ordinal    1 
_pdbx_audit_revision_details.data_content_type   'Structure model' 
_pdbx_audit_revision_details.provider            repository 
_pdbx_audit_revision_details.type                'Initial release' 
_pdbx_audit_revision_details.description         ? 
_pdbx_audit_revision_details.details             ? 
# 
loop_
_pdbx_audit_revision_group.ordinal 
_pdbx_audit_revision_group.revision_ordinal 
_pdbx_audit_revision_group.data_content_type 
_pdbx_audit_revision_group.group 
1 2 'Structure model' 'Version format compliance' 
2 3 'Structure model' 'Version format compliance' 
3 4 'Structure model' 'Data collection'           
4 4 'Structure model' 'Database references'       
5 4 'Structure model' 'Derived calculations'      
# 
loop_
_pdbx_audit_revision_category.ordinal 
_pdbx_audit_revision_category.revision_ordinal 
_pdbx_audit_revision_category.data_content_type 
_pdbx_audit_revision_category.category 
1 4 'Structure model' chem_comp_atom         
2 4 'Structure model' chem_comp_bond         
3 4 'Structure model' database_2             
4 4 'Structure model' diffrn_source          
5 4 'Structure model' pdbx_struct_conn_angle 
6 4 'Structure model' struct_conn            
7 4 'Structure model' struct_site            
# 
loop_
_pdbx_audit_revision_item.ordinal 
_pdbx_audit_revision_item.revision_ordinal 
_pdbx_audit_revision_item.data_content_type 
_pdbx_audit_revision_item.item 
1  4 'Structure model' '_database_2.pdbx_DOI'                        
2  4 'Structure model' '_database_2.pdbx_database_accession'         
3  4 'Structure model' '_diffrn_source.pdbx_synchrotron_site'        
4  4 'Structure model' '_pdbx_struct_conn_angle.ptnr1_auth_comp_id'  
5  4 'Structure model' '_pdbx_struct_conn_angle.ptnr1_auth_seq_id'   
6  4 'Structure model' '_pdbx_struct_conn_angle.ptnr1_label_asym_id' 
7  4 'Structure model' '_pdbx_struct_conn_angle.ptnr1_label_atom_id' 
8  4 'Structure model' '_pdbx_struct_conn_angle.ptnr1_label_comp_id' 
9  4 'Structure model' '_pdbx_struct_conn_angle.ptnr1_label_seq_id'  
10 4 'Structure model' '_pdbx_struct_conn_angle.ptnr1_symmetry'      
11 4 'Structure model' '_pdbx_struct_conn_angle.ptnr3_auth_comp_id'  
12 4 'Structure model' '_pdbx_struct_conn_angle.ptnr3_auth_seq_id'   
13 4 'Structure model' '_pdbx_struct_conn_angle.ptnr3_label_asym_id' 
14 4 'Structure model' '_pdbx_struct_conn_angle.ptnr3_label_atom_id' 
15 4 'Structure model' '_pdbx_struct_conn_angle.ptnr3_label_comp_id' 
16 4 'Structure model' '_pdbx_struct_conn_angle.ptnr3_label_seq_id'  
17 4 'Structure model' '_pdbx_struct_conn_angle.ptnr3_symmetry'      
18 4 'Structure model' '_pdbx_struct_conn_angle.value'               
19 4 'Structure model' '_struct_conn.pdbx_dist_value'                
20 4 'Structure model' '_struct_conn.ptnr1_auth_asym_id'             
21 4 'Structure model' '_struct_conn.ptnr1_auth_comp_id'             
22 4 'Structure model' '_struct_conn.ptnr1_auth_seq_id'              
23 4 'Structure model' '_struct_conn.ptnr1_label_asym_id'            
24 4 'Structure model' '_struct_conn.ptnr1_label_atom_id'            
25 4 'Structure model' '_struct_conn.ptnr1_label_comp_id'            
26 4 'Structure model' '_struct_conn.ptnr1_label_seq_id'             
27 4 'Structure model' '_struct_conn.ptnr1_symmetry'                 
28 4 'Structure model' '_struct_conn.ptnr2_auth_asym_id'             
29 4 'Structure model' '_struct_conn.ptnr2_auth_comp_id'             
30 4 'Structure model' '_struct_conn.ptnr2_auth_seq_id'              
31 4 'Structure model' '_struct_conn.ptnr2_label_asym_id'            
32 4 'Structure model' '_struct_conn.ptnr2_label_atom_id'            
33 4 'Structure model' '_struct_conn.ptnr2_label_comp_id'            
34 4 'Structure model' '_struct_conn.ptnr2_label_seq_id'             
35 4 'Structure model' '_struct_conn.ptnr2_symmetry'                 
36 4 'Structure model' '_struct_site.pdbx_auth_asym_id'              
37 4 'Structure model' '_struct_site.pdbx_auth_comp_id'              
38 4 'Structure model' '_struct_site.pdbx_auth_seq_id'               
# 
_pdbx_database_status.status_code                     REL 
_pdbx_database_status.entry_id                        1K2L 
_pdbx_database_status.recvd_initial_deposition_date   2001-09-28 
_pdbx_database_status.deposit_site                    RCSB 
_pdbx_database_status.process_site                    RCSB 
_pdbx_database_status.status_code_sf                  REL 
_pdbx_database_status.status_code_mr                  ? 
_pdbx_database_status.SG_entry                        ? 
_pdbx_database_status.pdb_format_compatible           Y 
_pdbx_database_status.status_code_cs                  ? 
_pdbx_database_status.status_code_nmr_data            ? 
_pdbx_database_status.methods_development_category    ? 
# 
_pdbx_database_related.db_name        NDB 
_pdbx_database_related.db_id          DD0026 
_pdbx_database_related.details        'CRYSTAL STRUCTURE ANALYSIS OF D(CG(5-BRU)ACG) COMPLEXES TO A PHENAZINE' 
_pdbx_database_related.content_type   unspecified 
# 
loop_
_audit_author.name 
_audit_author.pdbx_ordinal 
'Teixeira, S.C.M.' 1 
'Thorpe, J.H.'     2 
'Todd, A.K.'       3 
'Powell, H.R.'     4 
'Adams, A.'        5 
'Wakelin, L.P.G.'  6 
'Denny, W.A.'      7 
'Cardin, C.J.'     8 
# 
_citation.id                        primary 
_citation.title                     
'Structural Characterisation of Bisintercalation in Higher-order DNA at a Junction-like Quadruplex' 
_citation.journal_abbrev            J.MOL.BIOL. 
_citation.journal_volume            323 
_citation.page_first                167 
_citation.page_last                 171 
_citation.year                      2002 
_citation.journal_id_ASTM           JMOBAK 
_citation.country                   UK 
_citation.journal_id_ISSN           0022-2836 
_citation.journal_id_CSD            0070 
_citation.book_publisher            ? 
_citation.pdbx_database_id_PubMed   12381312 
_citation.pdbx_database_id_DOI      '10.1016/S0022-2836(02)00923-3' 
# 
loop_
_citation_author.citation_id 
_citation_author.name 
_citation_author.ordinal 
_citation_author.identifier_ORCID 
primary 'Teixeira, S.C.M.' 1 ? 
primary 'Thorpe, J.H.'     2 ? 
primary 'Todd, A.K.'       3 ? 
primary 'Powell, H.R.'     4 ? 
primary 'Adams, A.'        5 ? 
primary 'Wakelin, L.P.G.'  6 ? 
primary 'Denny, W.A.'      7 ? 
primary 'Cardin, C.J.'     8 ? 
# 
loop_
_entity.id 
_entity.type 
_entity.src_method 
_entity.pdbx_description 
_entity.formula_weight 
_entity.pdbx_number_of_molecules 
_entity.pdbx_ec 
_entity.pdbx_mutation 
_entity.pdbx_fragment 
_entity.details 
1 polymer     syn "5'-D(*CP*GP*TP*AP*CP*G)-3'"                                    1809.217 2  ? ? ? ? 
2 non-polymer syn 'COBALT (II) ION'                                               58.933   2  ? ? ? ? 
3 non-polymer syn 'BIS-(9-OCTYLAMINO(2-DIMETHYLAMINOETHYL)ACRIDINE-4-CARBOXAMIDE' 726.952  1  ? ? ? ? 
4 water       nat water                                                           18.015   16 ? ? ? ? 
# 
_entity_poly.entity_id                      1 
_entity_poly.type                           polydeoxyribonucleotide 
_entity_poly.nstd_linkage                   no 
_entity_poly.nstd_monomer                   no 
_entity_poly.pdbx_seq_one_letter_code       '(DC)(DG)(DT)(DA)(DC)(DG)' 
_entity_poly.pdbx_seq_one_letter_code_can   CGTACG 
_entity_poly.pdbx_strand_id                 A,B 
_entity_poly.pdbx_target_identifier         ? 
# 
loop_
_pdbx_entity_nonpoly.entity_id 
_pdbx_entity_nonpoly.name 
_pdbx_entity_nonpoly.comp_id 
2 'COBALT (II) ION'                                               CO  
3 'BIS-(9-OCTYLAMINO(2-DIMETHYLAMINOETHYL)ACRIDINE-4-CARBOXAMIDE' BDC 
4 water                                                           HOH 
# 
loop_
_entity_poly_seq.entity_id 
_entity_poly_seq.num 
_entity_poly_seq.mon_id 
_entity_poly_seq.hetero 
1 1 DC n 
1 2 DG n 
1 3 DT n 
1 4 DA n 
1 5 DC n 
1 6 DG n 
# 
loop_
_chem_comp.id 
_chem_comp.type 
_chem_comp.mon_nstd_flag 
_chem_comp.name 
_chem_comp.pdbx_synonyms 
_chem_comp.formula 
_chem_comp.formula_weight 
BDC non-polymer   . 'BIS-(9-OCTYLAMINO(2-DIMETHYLAMINOETHYL)ACRIDINE-4-CARBOXAMIDE' BIS-DACA 'C44 H54 N8 O2'   726.952 
CO  non-polymer   . 'COBALT (II) ION'                                               ?        'Co 2'            58.933  
DA  'DNA linking' y "2'-DEOXYADENOSINE-5'-MONOPHOSPHATE"                            ?        'C10 H14 N5 O6 P' 331.222 
DC  'DNA linking' y "2'-DEOXYCYTIDINE-5'-MONOPHOSPHATE"                             ?        'C9 H14 N3 O7 P'  307.197 
DG  'DNA linking' y "2'-DEOXYGUANOSINE-5'-MONOPHOSPHATE"                            ?        'C10 H14 N5 O7 P' 347.221 
DT  'DNA linking' y "THYMIDINE-5'-MONOPHOSPHATE"                                    ?        'C10 H15 N2 O8 P' 322.208 
HOH non-polymer   . WATER                                                           ?        'H2 O'            18.015  
# 
loop_
_pdbx_poly_seq_scheme.asym_id 
_pdbx_poly_seq_scheme.entity_id 
_pdbx_poly_seq_scheme.seq_id 
_pdbx_poly_seq_scheme.mon_id 
_pdbx_poly_seq_scheme.ndb_seq_num 
_pdbx_poly_seq_scheme.pdb_seq_num 
_pdbx_poly_seq_scheme.auth_seq_num 
_pdbx_poly_seq_scheme.pdb_mon_id 
_pdbx_poly_seq_scheme.auth_mon_id 
_pdbx_poly_seq_scheme.pdb_strand_id 
_pdbx_poly_seq_scheme.pdb_ins_code 
_pdbx_poly_seq_scheme.hetero 
A 1 1 DC 1 1 1 DC C A . n 
A 1 2 DG 2 2 2 DG G A . n 
A 1 3 DT 3 3 3 DT T A . n 
A 1 4 DA 4 4 4 DA A A . n 
A 1 5 DC 5 5 5 DC C A . n 
A 1 6 DG 6 6 6 DG G A . n 
B 1 1 DC 1 1 1 DC C B . n 
B 1 2 DG 2 2 2 DG G B . n 
B 1 3 DT 3 3 3 DT T B . n 
B 1 4 DA 4 4 4 DA A B . n 
B 1 5 DC 5 5 5 DC C B . n 
B 1 6 DG 6 6 6 DG G B . n 
# 
loop_
_pdbx_nonpoly_scheme.asym_id 
_pdbx_nonpoly_scheme.entity_id 
_pdbx_nonpoly_scheme.mon_id 
_pdbx_nonpoly_scheme.ndb_seq_num 
_pdbx_nonpoly_scheme.pdb_seq_num 
_pdbx_nonpoly_scheme.auth_seq_num 
_pdbx_nonpoly_scheme.pdb_mon_id 
_pdbx_nonpoly_scheme.auth_mon_id 
_pdbx_nonpoly_scheme.pdb_strand_id 
_pdbx_nonpoly_scheme.pdb_ins_code 
C 2 CO  1 10   10   CO  COB A . 
D 3 BDC 1 1000 1000 BDC DAC B . 
E 2 CO  1 100  100  CO  CO5 B . 
F 4 HOH 1 2000 2000 HOH HOH A . 
F 4 HOH 2 2001 2001 HOH HOH A . 
F 4 HOH 3 2002 2002 HOH HOH A . 
F 4 HOH 4 2004 2004 HOH HOH A . 
F 4 HOH 5 2007 2007 HOH HOH A . 
F 4 HOH 6 2009 10   HOH COB A . 
F 4 HOH 7 2010 10   HOH COB A . 
G 4 HOH 1 2003 2003 HOH HOH B . 
G 4 HOH 2 2005 2005 HOH HOH B . 
G 4 HOH 3 2006 2006 HOH HOH B . 
G 4 HOH 4 2008 2008 HOH HOH B . 
G 4 HOH 5 2011 100  HOH CO5 B . 
G 4 HOH 6 2012 100  HOH CO5 B . 
G 4 HOH 7 2013 100  HOH CO5 B . 
G 4 HOH 8 2014 100  HOH CO5 B . 
G 4 HOH 9 2015 100  HOH CO5 B . 
# 
loop_
_pdbx_unobs_or_zero_occ_atoms.id 
_pdbx_unobs_or_zero_occ_atoms.PDB_model_num 
_pdbx_unobs_or_zero_occ_atoms.polymer_flag 
_pdbx_unobs_or_zero_occ_atoms.occupancy_flag 
_pdbx_unobs_or_zero_occ_atoms.auth_asym_id 
_pdbx_unobs_or_zero_occ_atoms.auth_comp_id 
_pdbx_unobs_or_zero_occ_atoms.auth_seq_id 
_pdbx_unobs_or_zero_occ_atoms.PDB_ins_code 
_pdbx_unobs_or_zero_occ_atoms.auth_atom_id 
_pdbx_unobs_or_zero_occ_atoms.label_alt_id 
_pdbx_unobs_or_zero_occ_atoms.label_asym_id 
_pdbx_unobs_or_zero_occ_atoms.label_comp_id 
_pdbx_unobs_or_zero_occ_atoms.label_seq_id 
_pdbx_unobs_or_zero_occ_atoms.label_atom_id 
1  1 Y 1 B DC  1    ? "O5'" ? B DC  1 "O5'" 
2  1 Y 1 B DC  1    ? "C5'" ? B DC  1 "C5'" 
3  1 Y 1 B DC  1    ? "C4'" ? B DC  1 "C4'" 
4  1 Y 1 B DC  1    ? "O4'" ? B DC  1 "O4'" 
5  1 Y 1 B DC  1    ? "C3'" ? B DC  1 "C3'" 
6  1 Y 1 B DC  1    ? "C2'" ? B DC  1 "C2'" 
7  1 Y 1 B DC  1    ? "C1'" ? B DC  1 "C1'" 
8  1 Y 1 B DC  1    ? N1    ? B DC  1 N1    
9  1 Y 1 B DC  1    ? C2    ? B DC  1 C2    
10 1 Y 1 B DC  1    ? O2    ? B DC  1 O2    
11 1 Y 1 B DC  1    ? N3    ? B DC  1 N3    
12 1 Y 1 B DC  1    ? C4    ? B DC  1 C4    
13 1 Y 1 B DC  1    ? N4    ? B DC  1 N4    
14 1 Y 1 B DC  1    ? C5    ? B DC  1 C5    
15 1 Y 1 B DC  1    ? C6    ? B DC  1 C6    
16 1 Y 1 B DC  5    ? OP1   ? B DC  5 OP1   
17 1 N 1 B BDC 1000 ? CF4   ? D BDC 1 CF4   
18 1 N 1 B BDC 1000 ? CF3   ? D BDC 1 CF3   
19 1 N 1 B BDC 1000 ? CF2   ? D BDC 1 CF2   
20 1 N 1 B BDC 1000 ? CF1   ? D BDC 1 CF1   
21 1 N 1 B BDC 1000 ? "N9'" ? D BDC 1 "N9'" 
22 1 N 1 B BDC 1000 ? "C5'" ? D BDC 1 "C5'" 
23 1 N 1 B BDC 1000 ? "C6'" ? D BDC 1 "C6'" 
24 1 N 1 B BDC 1000 ? "C7'" ? D BDC 1 "C7'" 
25 1 N 1 B BDC 1000 ? "C8'" ? D BDC 1 "C8'" 
26 1 N 1 B BDC 1000 ? "C9'" ? D BDC 1 "C9'" 
27 1 N 1 B BDC 1000 ? "C1'" ? D BDC 1 "C1'" 
28 1 N 1 B BDC 1000 ? "C2'" ? D BDC 1 "C2'" 
29 1 N 1 B BDC 1000 ? "C3'" ? D BDC 1 "C3'" 
30 1 N 1 B BDC 1000 ? "C4'" ? D BDC 1 "C4'" 
31 1 N 1 B BDC 1000 ? "CE'" ? D BDC 1 "CE'" 
32 1 N 1 B BDC 1000 ? "CD'" ? D BDC 1 "CD'" 
33 1 N 1 B BDC 1000 ? "CB'" ? D BDC 1 "CB'" 
34 1 N 1 B BDC 1000 ? "CC'" ? D BDC 1 "CC'" 
35 1 N 1 B BDC 1000 ? "NA'" ? D BDC 1 "NA'" 
36 1 N 1 B BDC 1000 ? CB1   ? D BDC 1 CB1   
37 1 N 1 B BDC 1000 ? O1X   ? D BDC 1 O1X   
38 1 N 1 B BDC 1000 ? NB1   ? D BDC 1 NB1   
39 1 N 1 B BDC 1000 ? CB2   ? D BDC 1 CB2   
40 1 N 1 B BDC 1000 ? CB3   ? D BDC 1 CB3   
41 1 N 1 B BDC 1000 ? NB2   ? D BDC 1 NB2   
42 1 N 1 B BDC 1000 ? CB7   ? D BDC 1 CB7   
43 1 N 1 B BDC 1000 ? CB8   ? D BDC 1 CB8   
# 
loop_
_software.name 
_software.classification 
_software.version 
_software.citation_id 
_software.pdbx_ordinal 
DENZO     'data reduction' . ? 1 
SCALEPACK 'data scaling'   . ? 2 
SHELXL    refinement       . ? 3 
SHELXL-97 refinement       . ? 4 
# 
_cell.entry_id           1K2L 
_cell.length_a           29.507 
_cell.length_b           53.738 
_cell.length_c           40.061 
_cell.angle_alpha        90.00 
_cell.angle_beta         90.00 
_cell.angle_gamma        90.00 
_cell.Z_PDB              16 
_cell.pdbx_unique_axis   ? 
# 
_symmetry.entry_id                         1K2L 
_symmetry.space_group_name_H-M             'C 2 2 2' 
_symmetry.pdbx_full_space_group_name_H-M   ? 
_symmetry.cell_setting                     ? 
_symmetry.Int_Tables_number                21 
_symmetry.space_group_name_Hall            ? 
# 
_exptl.entry_id          1K2L 
_exptl.method            'X-RAY DIFFRACTION' 
_exptl.crystals_number   1 
# 
_exptl_crystal.id                    1 
_exptl_crystal.density_meas          ? 
_exptl_crystal.density_Matthews      2.28 
_exptl_crystal.density_percent_sol   41.47 
_exptl_crystal.description           ? 
_exptl_crystal.F_000                 ? 
_exptl_crystal.preparation           ? 
# 
_exptl_crystal_grow.crystal_id      1 
_exptl_crystal_grow.method          'VAPOR DIFFUSION, SITTING DROP' 
_exptl_crystal_grow.temp            285.0 
_exptl_crystal_grow.temp_details    ? 
_exptl_crystal_grow.pH              6.5 
_exptl_crystal_grow.pdbx_details    
;Sodium cacodylate buffer, magnesium acetate, cobalt chloride, spermine, MPD, pH 6.5, VAPOR DIFFUSION, SITTING DROP, temperature 285.0K
;
_exptl_crystal_grow.pdbx_pH_range   . 
# 
loop_
_exptl_crystal_grow_comp.crystal_id 
_exptl_crystal_grow_comp.id 
_exptl_crystal_grow_comp.sol_id 
_exptl_crystal_grow_comp.name 
_exptl_crystal_grow_comp.volume 
_exptl_crystal_grow_comp.conc 
_exptl_crystal_grow_comp.details 
1 1 1 'Sodium cacodylate buffer' ? ? ? 
1 2 1 'magnesium acetate'        ? ? ? 
1 3 1 COCl2                      ? ? ? 
1 4 1 spermine                   ? ? ? 
1 5 1 MPD                        ? ? ? 
1 6 2 'magnesium acetate'        ? ? ? 
1 7 2 COCl2                      ? ? ? 
1 8 2 MPD                        ? ? ? 
# 
_diffrn.id                     1 
_diffrn.ambient_temp           100 
_diffrn.ambient_temp_details   ? 
_diffrn.crystal_id             1 
# 
_diffrn_detector.diffrn_id              1 
_diffrn_detector.detector               'IMAGE PLATE' 
_diffrn_detector.type                   MARRESEARCH 
_diffrn_detector.pdbx_collection_date   1996-11-15 
_diffrn_detector.details                ? 
# 
_diffrn_radiation.diffrn_id                        1 
_diffrn_radiation.wavelength_id                    1 
_diffrn_radiation.pdbx_monochromatic_or_laue_m_l   M 
_diffrn_radiation.monochromator                    Mirrors 
_diffrn_radiation.pdbx_diffrn_protocol             'SINGLE WAVELENGTH' 
_diffrn_radiation.pdbx_scattering_type             x-ray 
# 
_diffrn_radiation_wavelength.id           1 
_diffrn_radiation_wavelength.wavelength   0.979 
_diffrn_radiation_wavelength.wt           1.0 
# 
_diffrn_source.diffrn_id                   1 
_diffrn_source.source                      SYNCHROTRON 
_diffrn_source.type                        'EMBL/DESY, HAMBURG BEAMLINE X31' 
_diffrn_source.pdbx_synchrotron_site       'EMBL/DESY, HAMBURG' 
_diffrn_source.pdbx_synchrotron_beamline   X31 
_diffrn_source.pdbx_wavelength             ? 
_diffrn_source.pdbx_wavelength_list        0.979 
# 
_reflns.entry_id                     1K2L 
_reflns.observed_criterion_sigma_I   -3.0 
_reflns.observed_criterion_sigma_F   2 
_reflns.d_resolution_low             13.5 
_reflns.d_resolution_high            2.28 
_reflns.number_obs                   2063 
_reflns.number_all                   2063 
_reflns.percent_possible_obs         88.06 
_reflns.pdbx_Rmerge_I_obs            0.071 
_reflns.pdbx_Rsym_value              ? 
_reflns.pdbx_netI_over_sigmaI        11.57 
_reflns.B_iso_Wilson_estimate        ? 
_reflns.pdbx_redundancy              ? 
_reflns.R_free_details               ? 
_reflns.pdbx_chi_squared             ? 
_reflns.pdbx_scaling_rejects         ? 
_reflns.pdbx_diffrn_id               1 
_reflns.pdbx_ordinal                 1 
# 
_reflns_shell.d_res_high             2.28 
_reflns_shell.d_res_low              2.36 
_reflns_shell.percent_possible_all   93.8 
_reflns_shell.Rmerge_I_obs           ? 
_reflns_shell.pdbx_Rsym_value        ? 
_reflns_shell.meanI_over_sigI_obs    ? 
_reflns_shell.pdbx_redundancy        ? 
_reflns_shell.percent_possible_obs   ? 
_reflns_shell.number_unique_all      ? 
_reflns_shell.number_measured_all    ? 
_reflns_shell.number_measured_obs    ? 
_reflns_shell.number_unique_obs      ? 
_reflns_shell.pdbx_chi_squared       ? 
_reflns_shell.pdbx_diffrn_id         ? 
_reflns_shell.pdbx_ordinal           1 
# 
_refine.entry_id                                 1K2L 
_refine.ls_number_reflns_obs                     1217 
_refine.ls_number_reflns_all                     1971 
_refine.pdbx_ls_sigma_I                          ? 
_refine.pdbx_ls_sigma_F                          4 
_refine.pdbx_data_cutoff_high_absF               ? 
_refine.pdbx_data_cutoff_low_absF                ? 
_refine.ls_d_res_low                             9.00 
_refine.ls_d_res_high                            2.40 
_refine.ls_percent_reflns_obs                    ? 
_refine.ls_R_factor_obs                          0.2452 
_refine.ls_R_factor_all                          0.3268 
_refine.ls_R_factor_R_work                       0.239 
_refine.ls_R_factor_R_free                       0.3091 
_refine.ls_R_factor_R_free_error                 ? 
_refine.ls_R_factor_R_free_error_details         ? 
_refine.ls_percent_reflns_R_free                 4.7 
_refine.ls_number_reflns_R_free                  92 
_refine.ls_number_parameters                     848 
_refine.ls_number_restraints                     1140 
_refine.occupancy_min                            ? 
_refine.occupancy_max                            ? 
_refine.B_iso_mean                               ? 
_refine.aniso_B[1][1]                            ? 
_refine.aniso_B[2][2]                            ? 
_refine.aniso_B[3][3]                            ? 
_refine.aniso_B[1][2]                            ? 
_refine.aniso_B[1][3]                            ? 
_refine.aniso_B[2][3]                            ? 
_refine.solvent_model_details                    ? 
_refine.solvent_model_param_ksol                 ? 
_refine.solvent_model_param_bsol                 ? 
_refine.pdbx_ls_cross_valid_method               'FREE R' 
_refine.details                                  ? 
_refine.pdbx_starting_model                      ? 
_refine.pdbx_method_to_determine_struct          'MOLECULAR REPLACEMENT' 
_refine.pdbx_isotropic_thermal_model             ? 
_refine.pdbx_stereochemistry_target_values       'ENGH AND HUBER' 
_refine.pdbx_stereochem_target_val_spec_case     ? 
_refine.pdbx_R_Free_selection_details            RANDOM 
_refine.pdbx_overall_ESU_R_Free                  ? 
_refine.overall_SU_B                             ? 
_refine.ls_redundancy_reflns_obs                 ? 
_refine.correlation_coeff_Fo_to_Fc               ? 
_refine.overall_SU_R_Cruickshank_DPI             ? 
_refine.overall_SU_R_free                        ? 
_refine.overall_SU_ML                            ? 
_refine.pdbx_overall_ESU_R                       ? 
_refine.pdbx_data_cutoff_high_rms_absF           ? 
_refine.correlation_coeff_Fo_to_Fc_free          ? 
_refine.pdbx_solvent_vdw_probe_radii             ? 
_refine.pdbx_solvent_ion_probe_radii             ? 
_refine.pdbx_solvent_shrinkage_radii             ? 
_refine.ls_wR_factor_R_free                      ? 
_refine.ls_wR_factor_R_work                      ? 
_refine.overall_FOM_free_R_set                   ? 
_refine.overall_FOM_work_R_set                   ? 
_refine.pdbx_refine_id                           'X-RAY DIFFRACTION' 
_refine.pdbx_diffrn_id                           1 
_refine.pdbx_TLS_residual_ADP_flag               ? 
_refine.pdbx_overall_phase_error                 ? 
_refine.pdbx_overall_SU_R_free_Cruickshank_DPI   ? 
_refine.pdbx_overall_SU_R_Blow_DPI               ? 
_refine.pdbx_overall_SU_R_free_Blow_DPI          ? 
# 
_refine_analyze.entry_id                        1K2L 
_refine_analyze.Luzzati_coordinate_error_obs    ? 
_refine_analyze.Luzzati_sigma_a_obs             ? 
_refine_analyze.Luzzati_d_res_low_obs           ? 
_refine_analyze.Luzzati_coordinate_error_free   ? 
_refine_analyze.Luzzati_sigma_a_free            ? 
_refine_analyze.Luzzati_d_res_low_free          ? 
_refine_analyze.number_disordered_residues      0 
_refine_analyze.occupancy_sum_hydrogen          0.00 
_refine_analyze.occupancy_sum_non_hydrogen      264.00 
_refine_analyze.pdbx_refine_id                  'X-RAY DIFFRACTION' 
# 
_refine_hist.pdbx_refine_id                   'X-RAY DIFFRACTION' 
_refine_hist.cycle_id                         LAST 
_refine_hist.pdbx_number_atoms_protein        0 
_refine_hist.pdbx_number_atoms_nucleic_acid   224 
_refine_hist.pdbx_number_atoms_ligand         36 
_refine_hist.number_atoms_solvent             9 
_refine_hist.number_atoms_total               269 
_refine_hist.d_res_high                       2.40 
_refine_hist.d_res_low                        9.00 
# 
loop_
_refine_ls_restr.type 
_refine_ls_restr.dev_ideal 
_refine_ls_restr.dev_ideal_target 
_refine_ls_restr.weight 
_refine_ls_restr.number 
_refine_ls_restr.pdbx_refine_id 
_refine_ls_restr.pdbx_restraint_function 
s_bond_d               0.026  ? ? ? 'X-RAY DIFFRACTION' ? 
s_angle_d              0.000  ? ? ? 'X-RAY DIFFRACTION' ? 
s_similar_dist         0.016  ? ? ? 'X-RAY DIFFRACTION' ? 
s_from_restr_planes    0.0001 ? ? ? 'X-RAY DIFFRACTION' ? 
s_zero_chiral_vol      0.000  ? ? ? 'X-RAY DIFFRACTION' ? 
s_non_zero_chiral_vol  0.000  ? ? ? 'X-RAY DIFFRACTION' ? 
s_anti_bump_dis_restr  0.053  ? ? ? 'X-RAY DIFFRACTION' ? 
s_rigid_bond_adp_cmpnt 0.000  ? ? ? 'X-RAY DIFFRACTION' ? 
s_similar_adp_cmpnt    0.009  ? ? ? 'X-RAY DIFFRACTION' ? 
s_approx_iso_adps      0.000  ? ? ? 'X-RAY DIFFRACTION' ? 
# 
_refine_ls_shell.pdbx_total_number_of_bins_used   ? 
_refine_ls_shell.d_res_high                       2.40 
_refine_ls_shell.d_res_low                        2.48 
_refine_ls_shell.number_reflns_R_work             ? 
_refine_ls_shell.R_factor_R_work                  0.322 
_refine_ls_shell.percent_reflns_obs               95.38 
_refine_ls_shell.R_factor_R_free                  ? 
_refine_ls_shell.R_factor_R_free_error            ? 
_refine_ls_shell.percent_reflns_R_free            ? 
_refine_ls_shell.number_reflns_R_free             ? 
_refine_ls_shell.redundancy_reflns_obs            ? 
_refine_ls_shell.pdbx_refine_id                   'X-RAY DIFFRACTION' 
_refine_ls_shell.number_reflns_all                ? 
_refine_ls_shell.R_factor_all                     ? 
# 
_pdbx_refine.entry_id                                    1K2L 
_pdbx_refine.R_factor_all_no_cutoff                      0.2452 
_pdbx_refine.R_factor_obs_no_cutoff                      0.2388 
_pdbx_refine.free_R_factor_no_cutoff                     0.3268 
_pdbx_refine.free_R_val_test_set_size_perc_no_cutoff     4.7 
_pdbx_refine.free_R_val_test_set_ct_no_cutoff            92 
_pdbx_refine.R_factor_all_4sig_cutoff                    0.2274 
_pdbx_refine.R_factor_obs_4sig_cutoff                    0.2216 
_pdbx_refine.free_R_factor_4sig_cutoff                   0.2978 
_pdbx_refine.free_R_val_test_set_size_perc_4sig_cutoff   4.6 
_pdbx_refine.free_R_val_test_set_ct_4sig_cutoff          78 
_pdbx_refine.number_reflns_obs_4sig_cutoff               1701 
_pdbx_refine.number_reflns_obs_no_cutoff                 ? 
_pdbx_refine.pdbx_refine_id                              'X-RAY DIFFRACTION' 
_pdbx_refine.free_R_error_no_cutoff                      ? 
# 
_struct.entry_id                  1K2L 
_struct.title                     
'STRUCTURAL CHARACTERIZATION OF BISINTERCALATION IN HIGHER-ORDER DNA AT A JUNCTION-LIKE QUADRUPLEX' 
_struct.pdbx_model_details        ? 
_struct.pdbx_CASP_flag            ? 
_struct.pdbx_model_type_details   ? 
# 
_struct_keywords.entry_id        1K2L 
_struct_keywords.pdbx_keywords   DNA 
_struct_keywords.text            'DNA Strand Exchange, quadruplex, bisintercalation, DNA' 
# 
loop_
_struct_asym.id 
_struct_asym.pdbx_blank_PDB_chainid_flag 
_struct_asym.pdbx_modified 
_struct_asym.entity_id 
_struct_asym.details 
A N N 1 ? 
B N N 1 ? 
C N N 2 ? 
D N N 3 ? 
E N N 2 ? 
F N N 4 ? 
G N N 4 ? 
# 
_struct_ref.id                         1 
_struct_ref.entity_id                  1 
_struct_ref.db_name                    PDB 
_struct_ref.db_code                    1K2L 
_struct_ref.pdbx_db_accession          1K2L 
_struct_ref.pdbx_db_isoform            ? 
_struct_ref.pdbx_seq_one_letter_code   ? 
_struct_ref.pdbx_align_begin           ? 
# 
loop_
_struct_ref_seq.align_id 
_struct_ref_seq.ref_id 
_struct_ref_seq.pdbx_PDB_id_code 
_struct_ref_seq.pdbx_strand_id 
_struct_ref_seq.seq_align_beg 
_struct_ref_seq.pdbx_seq_align_beg_ins_code 
_struct_ref_seq.seq_align_end 
_struct_ref_seq.pdbx_seq_align_end_ins_code 
_struct_ref_seq.pdbx_db_accession 
_struct_ref_seq.db_align_beg 
_struct_ref_seq.pdbx_db_align_beg_ins_code 
_struct_ref_seq.db_align_end 
_struct_ref_seq.pdbx_db_align_end_ins_code 
_struct_ref_seq.pdbx_auth_seq_align_beg 
_struct_ref_seq.pdbx_auth_seq_align_end 
1 1 1K2L A 1 ? 6 ? 1K2L 1 ? 6 ? 1 6 
2 1 1K2L B 1 ? 6 ? 1K2L 1 ? 6 ? 1 6 
# 
_pdbx_struct_assembly.id                   1 
_pdbx_struct_assembly.details              author_defined_assembly 
_pdbx_struct_assembly.method_details       ? 
_pdbx_struct_assembly.oligomeric_details   dimeric 
_pdbx_struct_assembly.oligomeric_count     2 
# 
_pdbx_struct_assembly_gen.assembly_id       1 
_pdbx_struct_assembly_gen.oper_expression   1 
_pdbx_struct_assembly_gen.asym_id_list      A,B,C,D,E,F,G 
# 
_pdbx_struct_oper_list.id                   1 
_pdbx_struct_oper_list.type                 'identity operation' 
_pdbx_struct_oper_list.name                 1_555 
_pdbx_struct_oper_list.symmetry_operation   x,y,z 
_pdbx_struct_oper_list.matrix[1][1]         1.0000000000 
_pdbx_struct_oper_list.matrix[1][2]         0.0000000000 
_pdbx_struct_oper_list.matrix[1][3]         0.0000000000 
_pdbx_struct_oper_list.vector[1]            0.0000000000 
_pdbx_struct_oper_list.matrix[2][1]         0.0000000000 
_pdbx_struct_oper_list.matrix[2][2]         1.0000000000 
_pdbx_struct_oper_list.matrix[2][3]         0.0000000000 
_pdbx_struct_oper_list.vector[2]            0.0000000000 
_pdbx_struct_oper_list.matrix[3][1]         0.0000000000 
_pdbx_struct_oper_list.matrix[3][2]         0.0000000000 
_pdbx_struct_oper_list.matrix[3][3]         1.0000000000 
_pdbx_struct_oper_list.vector[3]            0.0000000000 
# 
_struct_biol.id                    1 
_struct_biol.pdbx_parent_biol_id   ? 
_struct_biol.details               ? 
# 
loop_
_struct_conn.id 
_struct_conn.conn_type_id 
_struct_conn.pdbx_leaving_atom_flag 
_struct_conn.pdbx_PDB_id 
_struct_conn.ptnr1_label_asym_id 
_struct_conn.ptnr1_label_comp_id 
_struct_conn.ptnr1_label_seq_id 
_struct_conn.ptnr1_label_atom_id 
_struct_conn.pdbx_ptnr1_label_alt_id 
_struct_conn.pdbx_ptnr1_PDB_ins_code 
_struct_conn.pdbx_ptnr1_standard_comp_id 
_struct_conn.ptnr1_symmetry 
_struct_conn.ptnr2_label_asym_id 
_struct_conn.ptnr2_label_comp_id 
_struct_conn.ptnr2_label_seq_id 
_struct_conn.ptnr2_label_atom_id 
_struct_conn.pdbx_ptnr2_label_alt_id 
_struct_conn.pdbx_ptnr2_PDB_ins_code 
_struct_conn.ptnr1_auth_asym_id 
_struct_conn.ptnr1_auth_comp_id 
_struct_conn.ptnr1_auth_seq_id 
_struct_conn.ptnr2_auth_asym_id 
_struct_conn.ptnr2_auth_comp_id 
_struct_conn.ptnr2_auth_seq_id 
_struct_conn.ptnr2_symmetry 
_struct_conn.pdbx_ptnr3_label_atom_id 
_struct_conn.pdbx_ptnr3_label_seq_id 
_struct_conn.pdbx_ptnr3_label_comp_id 
_struct_conn.pdbx_ptnr3_label_asym_id 
_struct_conn.pdbx_ptnr3_label_alt_id 
_struct_conn.pdbx_ptnr3_PDB_ins_code 
_struct_conn.details 
_struct_conn.pdbx_dist_value 
_struct_conn.pdbx_value_order 
_struct_conn.pdbx_role 
metalc1  metalc ? ? A DG 6 N7 ? ? ? 1_555 C CO  . CO ? ? A DG 6   A CO  10   1_555 ? ? ? ? ? ? ?            1.902 ? ? 
metalc2  metalc ? ? A DG 6 N7 ? ? ? 3_556 C CO  . CO ? ? A DG 6   A CO  10   1_555 ? ? ? ? ? ? ?            1.901 ? ? 
metalc3  metalc ? ? C CO . CO ? ? ? 1_555 F HOH . O  ? ? A CO 10  A HOH 2009 1_555 ? ? ? ? ? ? ?            1.937 ? ? 
metalc4  metalc ? ? C CO . CO ? ? ? 1_555 F HOH . O  ? ? A CO 10  A HOH 2009 3_556 ? ? ? ? ? ? ?            1.938 ? ? 
metalc5  metalc ? ? C CO . CO ? ? ? 1_555 F HOH . O  ? ? A CO 10  A HOH 2010 1_555 ? ? ? ? ? ? ?            2.043 ? ? 
metalc6  metalc ? ? C CO . CO ? ? ? 1_555 F HOH . O  ? ? A CO 10  A HOH 2010 3_556 ? ? ? ? ? ? ?            2.043 ? ? 
metalc7  metalc ? ? B DG 2 N7 ? ? ? 1_555 E CO  . CO ? ? B DG 2   B CO  100  1_555 ? ? ? ? ? ? ?            1.916 ? ? 
metalc8  metalc ? ? E CO . CO ? ? ? 1_555 G HOH . O  ? ? B CO 100 B HOH 2011 1_555 ? ? ? ? ? ? ?            1.989 ? ? 
metalc9  metalc ? ? E CO . CO ? ? ? 1_555 G HOH . O  ? ? B CO 100 B HOH 2012 1_555 ? ? ? ? ? ? ?            1.943 ? ? 
metalc10 metalc ? ? E CO . CO ? ? ? 1_555 G HOH . O  ? ? B CO 100 B HOH 2013 1_555 ? ? ? ? ? ? ?            2.061 ? ? 
metalc11 metalc ? ? E CO . CO ? ? ? 1_555 G HOH . O  ? ? B CO 100 B HOH 2014 1_555 ? ? ? ? ? ? ?            2.044 ? ? 
metalc12 metalc ? ? E CO . CO ? ? ? 1_555 G HOH . O  ? ? B CO 100 B HOH 2015 1_555 ? ? ? ? ? ? ?            2.107 ? ? 
hydrog1  hydrog ? ? A DG 2 N1 ? ? ? 1_555 B DC  5 N3 ? ? A DG 2   B DC  5    1_555 ? ? ? ? ? ? WATSON-CRICK ?     ? ? 
hydrog2  hydrog ? ? A DG 2 N2 ? ? ? 1_555 B DC  5 O2 ? ? A DG 2   B DC  5    1_555 ? ? ? ? ? ? WATSON-CRICK ?     ? ? 
hydrog3  hydrog ? ? A DG 2 O6 ? ? ? 1_555 B DC  5 N4 ? ? A DG 2   B DC  5    1_555 ? ? ? ? ? ? WATSON-CRICK ?     ? ? 
hydrog4  hydrog ? ? A DT 3 N3 ? ? ? 1_555 B DA  4 N1 ? ? A DT 3   B DA  4    1_555 ? ? ? ? ? ? WATSON-CRICK ?     ? ? 
hydrog5  hydrog ? ? A DT 3 O4 ? ? ? 1_555 B DA  4 N6 ? ? A DT 3   B DA  4    1_555 ? ? ? ? ? ? WATSON-CRICK ?     ? ? 
hydrog6  hydrog ? ? A DA 4 N1 ? ? ? 1_555 B DT  3 N3 ? ? A DA 4   B DT  3    1_555 ? ? ? ? ? ? WATSON-CRICK ?     ? ? 
hydrog7  hydrog ? ? A DA 4 N6 ? ? ? 1_555 B DT  3 O4 ? ? A DA 4   B DT  3    1_555 ? ? ? ? ? ? WATSON-CRICK ?     ? ? 
hydrog8  hydrog ? ? A DC 5 N3 ? ? ? 1_555 B DG  2 N1 ? ? A DC 5   B DG  2    1_555 ? ? ? ? ? ? WATSON-CRICK ?     ? ? 
hydrog9  hydrog ? ? A DC 5 N4 ? ? ? 1_555 B DG  2 O6 ? ? A DC 5   B DG  2    1_555 ? ? ? ? ? ? WATSON-CRICK ?     ? ? 
hydrog10 hydrog ? ? A DC 5 O2 ? ? ? 1_555 B DG  2 N2 ? ? A DC 5   B DG  2    1_555 ? ? ? ? ? ? WATSON-CRICK ?     ? ? 
# 
loop_
_struct_conn_type.id 
_struct_conn_type.criteria 
_struct_conn_type.reference 
metalc ? ? 
hydrog ? ? 
# 
loop_
_pdbx_struct_conn_angle.id 
_pdbx_struct_conn_angle.ptnr1_label_atom_id 
_pdbx_struct_conn_angle.ptnr1_label_alt_id 
_pdbx_struct_conn_angle.ptnr1_label_asym_id 
_pdbx_struct_conn_angle.ptnr1_label_comp_id 
_pdbx_struct_conn_angle.ptnr1_label_seq_id 
_pdbx_struct_conn_angle.ptnr1_auth_atom_id 
_pdbx_struct_conn_angle.ptnr1_auth_asym_id 
_pdbx_struct_conn_angle.ptnr1_auth_comp_id 
_pdbx_struct_conn_angle.ptnr1_auth_seq_id 
_pdbx_struct_conn_angle.ptnr1_PDB_ins_code 
_pdbx_struct_conn_angle.ptnr1_symmetry 
_pdbx_struct_conn_angle.ptnr2_label_atom_id 
_pdbx_struct_conn_angle.ptnr2_label_alt_id 
_pdbx_struct_conn_angle.ptnr2_label_asym_id 
_pdbx_struct_conn_angle.ptnr2_label_comp_id 
_pdbx_struct_conn_angle.ptnr2_label_seq_id 
_pdbx_struct_conn_angle.ptnr2_auth_atom_id 
_pdbx_struct_conn_angle.ptnr2_auth_asym_id 
_pdbx_struct_conn_angle.ptnr2_auth_comp_id 
_pdbx_struct_conn_angle.ptnr2_auth_seq_id 
_pdbx_struct_conn_angle.ptnr2_PDB_ins_code 
_pdbx_struct_conn_angle.ptnr2_symmetry 
_pdbx_struct_conn_angle.ptnr3_label_atom_id 
_pdbx_struct_conn_angle.ptnr3_label_alt_id 
_pdbx_struct_conn_angle.ptnr3_label_asym_id 
_pdbx_struct_conn_angle.ptnr3_label_comp_id 
_pdbx_struct_conn_angle.ptnr3_label_seq_id 
_pdbx_struct_conn_angle.ptnr3_auth_atom_id 
_pdbx_struct_conn_angle.ptnr3_auth_asym_id 
_pdbx_struct_conn_angle.ptnr3_auth_comp_id 
_pdbx_struct_conn_angle.ptnr3_auth_seq_id 
_pdbx_struct_conn_angle.ptnr3_PDB_ins_code 
_pdbx_struct_conn_angle.ptnr3_symmetry 
_pdbx_struct_conn_angle.value 
_pdbx_struct_conn_angle.value_esd 
1  N7 ? A DG  6 ? A DG  6    ? 1_555 CO ? C CO . ? A CO 10  ? 1_555 N7 ? A DG  6 ? A DG  6    ? 3_556 175.0 ? 
2  N7 ? A DG  6 ? A DG  6    ? 1_555 CO ? C CO . ? A CO 10  ? 1_555 O  ? F HOH . ? A HOH 2009 ? 1_555 84.6  ? 
3  N7 ? A DG  6 ? A DG  6    ? 3_556 CO ? C CO . ? A CO 10  ? 1_555 O  ? F HOH . ? A HOH 2009 ? 1_555 92.0  ? 
4  N7 ? A DG  6 ? A DG  6    ? 1_555 CO ? C CO . ? A CO 10  ? 1_555 O  ? F HOH . ? A HOH 2009 ? 3_556 92.0  ? 
5  N7 ? A DG  6 ? A DG  6    ? 3_556 CO ? C CO . ? A CO 10  ? 1_555 O  ? F HOH . ? A HOH 2009 ? 3_556 84.6  ? 
6  O  ? F HOH . ? A HOH 2009 ? 1_555 CO ? C CO . ? A CO 10  ? 1_555 O  ? F HOH . ? A HOH 2009 ? 3_556 95.5  ? 
7  N7 ? A DG  6 ? A DG  6    ? 1_555 CO ? C CO . ? A CO 10  ? 1_555 O  ? F HOH . ? A HOH 2010 ? 1_555 92.7  ? 
8  N7 ? A DG  6 ? A DG  6    ? 3_556 CO ? C CO . ? A CO 10  ? 1_555 O  ? F HOH . ? A HOH 2010 ? 1_555 91.0  ? 
9  O  ? F HOH . ? A HOH 2009 ? 1_555 CO ? C CO . ? A CO 10  ? 1_555 O  ? F HOH . ? A HOH 2010 ? 1_555 89.2  ? 
10 O  ? F HOH . ? A HOH 2009 ? 3_556 CO ? C CO . ? A CO 10  ? 1_555 O  ? F HOH . ? A HOH 2010 ? 1_555 173.7 ? 
11 N7 ? A DG  6 ? A DG  6    ? 1_555 CO ? C CO . ? A CO 10  ? 1_555 O  ? F HOH . ? A HOH 2010 ? 3_556 91.0  ? 
12 N7 ? A DG  6 ? A DG  6    ? 3_556 CO ? C CO . ? A CO 10  ? 1_555 O  ? F HOH . ? A HOH 2010 ? 3_556 92.7  ? 
13 O  ? F HOH . ? A HOH 2009 ? 1_555 CO ? C CO . ? A CO 10  ? 1_555 O  ? F HOH . ? A HOH 2010 ? 3_556 173.7 ? 
14 O  ? F HOH . ? A HOH 2009 ? 3_556 CO ? C CO . ? A CO 10  ? 1_555 O  ? F HOH . ? A HOH 2010 ? 3_556 89.2  ? 
15 O  ? F HOH . ? A HOH 2010 ? 1_555 CO ? C CO . ? A CO 10  ? 1_555 O  ? F HOH . ? A HOH 2010 ? 3_556 86.4  ? 
16 N7 ? B DG  2 ? B DG  2    ? 1_555 CO ? E CO . ? B CO 100 ? 1_555 O  ? G HOH . ? B HOH 2011 ? 1_555 97.6  ? 
17 N7 ? B DG  2 ? B DG  2    ? 1_555 CO ? E CO . ? B CO 100 ? 1_555 O  ? G HOH . ? B HOH 2012 ? 1_555 95.7  ? 
18 O  ? G HOH . ? B HOH 2011 ? 1_555 CO ? E CO . ? B CO 100 ? 1_555 O  ? G HOH . ? B HOH 2012 ? 1_555 92.7  ? 
19 N7 ? B DG  2 ? B DG  2    ? 1_555 CO ? E CO . ? B CO 100 ? 1_555 O  ? G HOH . ? B HOH 2013 ? 1_555 94.9  ? 
20 O  ? G HOH . ? B HOH 2011 ? 1_555 CO ? E CO . ? B CO 100 ? 1_555 O  ? G HOH . ? B HOH 2013 ? 1_555 87.9  ? 
21 O  ? G HOH . ? B HOH 2012 ? 1_555 CO ? E CO . ? B CO 100 ? 1_555 O  ? G HOH . ? B HOH 2013 ? 1_555 169.3 ? 
22 N7 ? B DG  2 ? B DG  2    ? 1_555 CO ? E CO . ? B CO 100 ? 1_555 O  ? G HOH . ? B HOH 2014 ? 1_555 88.7  ? 
23 O  ? G HOH . ? B HOH 2011 ? 1_555 CO ? E CO . ? B CO 100 ? 1_555 O  ? G HOH . ? B HOH 2014 ? 1_555 172.5 ? 
24 O  ? G HOH . ? B HOH 2012 ? 1_555 CO ? E CO . ? B CO 100 ? 1_555 O  ? G HOH . ? B HOH 2014 ? 1_555 90.9  ? 
25 O  ? G HOH . ? B HOH 2013 ? 1_555 CO ? E CO . ? B CO 100 ? 1_555 O  ? G HOH . ? B HOH 2014 ? 1_555 87.3  ? 
26 N7 ? B DG  2 ? B DG  2    ? 1_555 CO ? E CO . ? B CO 100 ? 1_555 O  ? G HOH . ? B HOH 2015 ? 1_555 174.0 ? 
27 O  ? G HOH . ? B HOH 2011 ? 1_555 CO ? E CO . ? B CO 100 ? 1_555 O  ? G HOH . ? B HOH 2015 ? 1_555 87.7  ? 
28 O  ? G HOH . ? B HOH 2012 ? 1_555 CO ? E CO . ? B CO 100 ? 1_555 O  ? G HOH . ? B HOH 2015 ? 1_555 87.0  ? 
29 O  ? G HOH . ? B HOH 2013 ? 1_555 CO ? E CO . ? B CO 100 ? 1_555 O  ? G HOH . ? B HOH 2015 ? 1_555 82.4  ? 
30 O  ? G HOH . ? B HOH 2014 ? 1_555 CO ? E CO . ? B CO 100 ? 1_555 O  ? G HOH . ? B HOH 2015 ? 1_555 85.9  ? 
# 
loop_
_struct_site.id 
_struct_site.pdbx_evidence_code 
_struct_site.pdbx_auth_asym_id 
_struct_site.pdbx_auth_comp_id 
_struct_site.pdbx_auth_seq_id 
_struct_site.pdbx_auth_ins_code 
_struct_site.pdbx_num_residues 
_struct_site.details 
AC1 Software B BDC 1000 ? 5 'BINDING SITE FOR RESIDUE BDC B 1000' 
AC2 Software A CO  10   ? 6 'BINDING SITE FOR RESIDUE CO A 10'    
AC3 Software B CO  100  ? 6 'BINDING SITE FOR RESIDUE CO B 100'   
1   ?        ? ?   ?    ? ? ?                                     
# 
loop_
_struct_site_gen.id 
_struct_site_gen.site_id 
_struct_site_gen.pdbx_num_res 
_struct_site_gen.label_comp_id 
_struct_site_gen.label_asym_id 
_struct_site_gen.label_seq_id 
_struct_site_gen.pdbx_auth_ins_code 
_struct_site_gen.auth_comp_id 
_struct_site_gen.auth_asym_id 
_struct_site_gen.auth_seq_id 
_struct_site_gen.label_atom_id 
_struct_site_gen.label_alt_id 
_struct_site_gen.symmetry 
_struct_site_gen.details 
1  AC1 5 DC  A 1 ? DC  A 1    . ? 3_455 ? 
2  AC1 5 DG  A 2 ? DG  A 2    . ? 2_475 ? 
3  AC1 5 DG  A 2 ? DG  A 2    . ? 1_555 ? 
4  AC1 5 DC  B 5 ? DC  B 5    . ? 1_555 ? 
5  AC1 5 DG  B 6 ? DG  B 6    . ? 1_555 ? 
6  AC2 6 DG  A 6 ? DG  A 6    . ? 1_555 ? 
7  AC2 6 DG  A 6 ? DG  A 6    . ? 3_556 ? 
8  AC2 6 HOH F . ? HOH A 2009 . ? 3_556 ? 
9  AC2 6 HOH F . ? HOH A 2009 . ? 1_555 ? 
10 AC2 6 HOH F . ? HOH A 2010 . ? 3_556 ? 
11 AC2 6 HOH F . ? HOH A 2010 . ? 1_555 ? 
12 AC3 6 DG  B 2 ? DG  B 2    . ? 1_555 ? 
13 AC3 6 HOH G . ? HOH B 2011 . ? 1_555 ? 
14 AC3 6 HOH G . ? HOH B 2012 . ? 1_555 ? 
15 AC3 6 HOH G . ? HOH B 2013 . ? 1_555 ? 
16 AC3 6 HOH G . ? HOH B 2014 . ? 1_555 ? 
17 AC3 6 HOH G . ? HOH B 2015 . ? 1_555 ? 
# 
_pdbx_validate_symm_contact.id                1 
_pdbx_validate_symm_contact.PDB_model_num     1 
_pdbx_validate_symm_contact.auth_atom_id_1    CE4 
_pdbx_validate_symm_contact.auth_asym_id_1    B 
_pdbx_validate_symm_contact.auth_comp_id_1    BDC 
_pdbx_validate_symm_contact.auth_seq_id_1     1000 
_pdbx_validate_symm_contact.PDB_ins_code_1    ? 
_pdbx_validate_symm_contact.label_alt_id_1    ? 
_pdbx_validate_symm_contact.site_symmetry_1   1_555 
_pdbx_validate_symm_contact.auth_atom_id_2    CE4 
_pdbx_validate_symm_contact.auth_asym_id_2    B 
_pdbx_validate_symm_contact.auth_comp_id_2    BDC 
_pdbx_validate_symm_contact.auth_seq_id_2     1000 
_pdbx_validate_symm_contact.PDB_ins_code_2    ? 
_pdbx_validate_symm_contact.label_alt_id_2    ? 
_pdbx_validate_symm_contact.site_symmetry_2   2_475 
_pdbx_validate_symm_contact.dist              1.52 
# 
loop_
_pdbx_validate_rmsd_bond.id 
_pdbx_validate_rmsd_bond.PDB_model_num 
_pdbx_validate_rmsd_bond.auth_atom_id_1 
_pdbx_validate_rmsd_bond.auth_asym_id_1 
_pdbx_validate_rmsd_bond.auth_comp_id_1 
_pdbx_validate_rmsd_bond.auth_seq_id_1 
_pdbx_validate_rmsd_bond.PDB_ins_code_1 
_pdbx_validate_rmsd_bond.label_alt_id_1 
_pdbx_validate_rmsd_bond.auth_atom_id_2 
_pdbx_validate_rmsd_bond.auth_asym_id_2 
_pdbx_validate_rmsd_bond.auth_comp_id_2 
_pdbx_validate_rmsd_bond.auth_seq_id_2 
_pdbx_validate_rmsd_bond.PDB_ins_code_2 
_pdbx_validate_rmsd_bond.label_alt_id_2 
_pdbx_validate_rmsd_bond.bond_value 
_pdbx_validate_rmsd_bond.bond_target_value 
_pdbx_validate_rmsd_bond.bond_deviation 
_pdbx_validate_rmsd_bond.bond_standard_deviation 
_pdbx_validate_rmsd_bond.linker_flag 
1 1 "C5'" A DG 2 ? ? "C4'" A DG 2 ? ? 1.557 1.512 0.045 0.007 N 
2 1 "C1'" A DG 2 ? ? N9    A DG 2 ? ? 1.583 1.488 0.095 0.013 N 
3 1 "O4'" A DT 3 ? ? "C1'" A DT 3 ? ? 1.497 1.420 0.077 0.011 N 
4 1 "C1'" A DG 6 ? ? N9    A DG 6 ? ? 1.594 1.488 0.106 0.013 N 
5 1 "O4'" B DG 2 ? ? "C1'" B DG 2 ? ? 1.502 1.420 0.082 0.011 N 
6 1 "C1'" B DG 2 ? ? N9    B DG 2 ? ? 1.585 1.488 0.097 0.013 N 
7 1 "O4'" B DA 4 ? ? "C1'" B DA 4 ? ? 1.487 1.420 0.067 0.011 N 
8 1 "O4'" B DG 6 ? ? "C1'" B DG 6 ? ? 1.493 1.420 0.073 0.011 N 
9 1 "C1'" B DG 6 ? ? N9    B DG 6 ? ? 1.580 1.488 0.092 0.013 N 
# 
loop_
_pdbx_validate_rmsd_angle.id 
_pdbx_validate_rmsd_angle.PDB_model_num 
_pdbx_validate_rmsd_angle.auth_atom_id_1 
_pdbx_validate_rmsd_angle.auth_asym_id_1 
_pdbx_validate_rmsd_angle.auth_comp_id_1 
_pdbx_validate_rmsd_angle.auth_seq_id_1 
_pdbx_validate_rmsd_angle.PDB_ins_code_1 
_pdbx_validate_rmsd_angle.label_alt_id_1 
_pdbx_validate_rmsd_angle.auth_atom_id_2 
_pdbx_validate_rmsd_angle.auth_asym_id_2 
_pdbx_validate_rmsd_angle.auth_comp_id_2 
_pdbx_validate_rmsd_angle.auth_seq_id_2 
_pdbx_validate_rmsd_angle.PDB_ins_code_2 
_pdbx_validate_rmsd_angle.label_alt_id_2 
_pdbx_validate_rmsd_angle.auth_atom_id_3 
_pdbx_validate_rmsd_angle.auth_asym_id_3 
_pdbx_validate_rmsd_angle.auth_comp_id_3 
_pdbx_validate_rmsd_angle.auth_seq_id_3 
_pdbx_validate_rmsd_angle.PDB_ins_code_3 
_pdbx_validate_rmsd_angle.label_alt_id_3 
_pdbx_validate_rmsd_angle.angle_value 
_pdbx_validate_rmsd_angle.angle_target_value 
_pdbx_validate_rmsd_angle.angle_deviation 
_pdbx_validate_rmsd_angle.angle_standard_deviation 
_pdbx_validate_rmsd_angle.linker_flag 
1  1 N1    A DC 1 ? ? "C1'" A DC 1 ? ? "C2'" A DC 1 ? ? 138.33 114.30 24.03  1.40 N 
2  1 "O4'" A DC 1 ? ? "C1'" A DC 1 ? ? N1    A DC 1 ? ? 101.97 108.00 -6.03  0.70 N 
3  1 "C3'" A DC 1 ? ? "O3'" A DC 1 ? ? P     A DG 2 ? ? 127.96 119.70 8.26   1.20 Y 
4  1 "O5'" A DG 2 ? ? "C5'" A DG 2 ? ? "C4'" A DG 2 ? ? 104.44 109.40 -4.96  0.80 N 
5  1 "O4'" A DG 2 ? ? "C1'" A DG 2 ? ? N9    A DG 2 ? ? 100.01 108.00 -7.99  0.70 N 
6  1 "O4'" A DA 4 ? ? "C1'" A DA 4 ? ? N9    A DA 4 ? ? 102.55 108.00 -5.45  0.70 N 
7  1 OP1   A DC 5 ? ? P     A DC 5 ? ? OP2   A DC 5 ? ? 128.73 119.60 9.13   1.50 N 
8  1 N1    A DC 5 ? ? "C1'" A DC 5 ? ? "C2'" A DC 5 ? ? 132.64 114.30 18.34  1.40 N 
9  1 "O4'" A DC 5 ? ? "C1'" A DC 5 ? ? N1    A DC 5 ? ? 103.08 108.00 -4.92  0.70 N 
10 1 P     A DG 6 ? ? "O5'" A DG 6 ? ? "C5'" A DG 6 ? ? 131.23 120.90 10.33  1.60 N 
11 1 "O4'" A DG 6 ? ? "C1'" A DG 6 ? ? N9    A DG 6 ? ? 98.03  108.00 -9.97  0.70 N 
12 1 "C5'" B DG 2 ? ? "C4'" B DG 2 ? ? "C3'" B DG 2 ? ? 100.64 114.10 -13.46 1.80 N 
13 1 "C4'" B DG 2 ? ? "C3'" B DG 2 ? ? "C2'" B DG 2 ? ? 109.89 103.10 6.79   0.90 N 
14 1 N9    B DG 2 ? ? "C1'" B DG 2 ? ? "C2'" B DG 2 ? ? 123.48 114.30 9.18   1.40 N 
15 1 "O4'" B DG 2 ? ? "C1'" B DG 2 ? ? N9    B DG 2 ? ? 96.37  108.00 -11.63 0.70 N 
16 1 "C3'" B DG 2 ? ? "O3'" B DG 2 ? ? P     B DT 3 ? ? 129.40 119.70 9.70   1.20 Y 
17 1 "O3'" B DG 2 ? ? P     B DT 3 ? ? "O5'" B DT 3 ? ? 89.56  104.00 -14.44 1.90 Y 
18 1 "O3'" B DG 2 ? ? P     B DT 3 ? ? OP2   B DT 3 ? ? 126.34 110.50 15.84  1.10 Y 
19 1 P     B DT 3 ? ? "O5'" B DT 3 ? ? "C5'" B DT 3 ? ? 133.14 120.90 12.24  1.60 N 
20 1 "C5'" B DT 3 ? ? "C4'" B DT 3 ? ? "O4'" B DT 3 ? ? 122.17 109.80 12.37  1.10 N 
21 1 N1    B DT 3 ? ? "C1'" B DT 3 ? ? "C2'" B DT 3 ? ? 128.69 114.30 14.39  1.40 N 
22 1 "O4'" B DT 3 ? ? "C1'" B DT 3 ? ? N1    B DT 3 ? ? 103.09 108.00 -4.91  0.70 N 
23 1 "O5'" B DA 4 ? ? "C5'" B DA 4 ? ? "C4'" B DA 4 ? ? 101.42 109.40 -7.98  0.80 N 
24 1 N9    B DA 4 ? ? "C1'" B DA 4 ? ? "C2'" B DA 4 ? ? 123.01 114.30 8.71   1.40 N 
25 1 "O4'" B DA 4 ? ? "C1'" B DA 4 ? ? N9    B DA 4 ? ? 100.18 108.00 -7.82  0.70 N 
26 1 N1    B DC 5 ? ? "C1'" B DC 5 ? ? "C2'" B DC 5 ? ? 123.70 114.30 9.40   1.40 N 
27 1 C6    B DC 5 ? ? N1    B DC 5 ? ? C2    B DC 5 ? ? 123.04 120.30 2.74   0.40 N 
28 1 P     B DG 6 ? ? "O5'" B DG 6 ? ? "C5'" B DG 6 ? ? 136.19 120.90 15.29  1.60 N 
29 1 N9    B DG 6 ? ? "C1'" B DG 6 ? ? "C2'" B DG 6 ? ? 125.19 114.30 10.89  1.40 N 
30 1 "O4'" B DG 6 ? ? "C1'" B DG 6 ? ? N9    B DG 6 ? ? 101.27 108.00 -6.73  0.70 N 
# 
_struct_site_keywords.site_id   1 
_struct_site_keywords.text      BIS-INTERCALATION 
# 
_pdbx_struct_special_symmetry.id              1 
_pdbx_struct_special_symmetry.PDB_model_num   1 
_pdbx_struct_special_symmetry.auth_asym_id    A 
_pdbx_struct_special_symmetry.auth_comp_id    CO 
_pdbx_struct_special_symmetry.auth_seq_id     10 
_pdbx_struct_special_symmetry.PDB_ins_code    ? 
_pdbx_struct_special_symmetry.label_asym_id   C 
_pdbx_struct_special_symmetry.label_comp_id   CO 
_pdbx_struct_special_symmetry.label_seq_id    . 
# 
loop_
_chem_comp_atom.comp_id 
_chem_comp_atom.atom_id 
_chem_comp_atom.type_symbol 
_chem_comp_atom.pdbx_aromatic_flag 
_chem_comp_atom.pdbx_stereo_config 
_chem_comp_atom.pdbx_ordinal 
BDC C5     C  Y N 1   
BDC C6     C  Y N 2   
BDC C7     C  Y N 3   
BDC C8     C  Y N 4   
BDC C9     C  Y N 5   
BDC C1     C  Y N 6   
BDC C2     C  Y N 7   
BDC C3     C  Y N 8   
BDC C4     C  Y N 9   
BDC C14    C  Y N 10  
BDC C13    C  Y N 11  
BDC C11    C  Y N 12  
BDC C12    C  Y N 13  
BDC N10    N  Y N 14  
BDC N9     N  N N 15  
BDC CD1    C  N N 16  
BDC OD1    O  N N 17  
BDC CE1    C  N N 18  
BDC CE3    C  N N 19  
BDC CE2    C  N N 20  
BDC CE4    C  N N 21  
BDC ND1    N  N N 22  
BDC CD2    C  N N 23  
BDC CD3    C  N N 24  
BDC ND2    N  N N 25  
BDC CD7    C  N N 26  
BDC CD8    C  N N 27  
BDC CF4    C  N N 28  
BDC CF3    C  N N 29  
BDC CF2    C  N N 30  
BDC CF1    C  N N 31  
BDC "N9'"  N  N N 32  
BDC "C5'"  C  Y N 33  
BDC "C6'"  C  Y N 34  
BDC "C7'"  C  Y N 35  
BDC "C8'"  C  Y N 36  
BDC "C9'"  C  Y N 37  
BDC "C1'"  C  Y N 38  
BDC "C2'"  C  Y N 39  
BDC "C3'"  C  Y N 40  
BDC "C4'"  C  Y N 41  
BDC "CE'"  C  Y N 42  
BDC "CD'"  C  Y N 43  
BDC "CB'"  C  Y N 44  
BDC "CC'"  C  Y N 45  
BDC "NA'"  N  Y N 46  
BDC CB1    C  N N 47  
BDC O1X    O  N N 48  
BDC NB1    N  N N 49  
BDC CB2    C  N N 50  
BDC CB3    C  N N 51  
BDC NB2    N  N N 52  
BDC CB7    C  N N 53  
BDC CB8    C  N N 54  
BDC H5     H  N N 55  
BDC H6     H  N N 56  
BDC H7     H  N N 57  
BDC H8     H  N N 58  
BDC H1     H  N N 59  
BDC H2     H  N N 60  
BDC H3     H  N N 61  
BDC H9     H  N N 62  
BDC HE11   H  N N 63  
BDC HE12   H  N N 64  
BDC HE31   H  N N 65  
BDC HE32   H  N N 66  
BDC HE21   H  N N 67  
BDC HE22   H  N N 68  
BDC HE41   H  N N 69  
BDC HE42   H  N N 70  
BDC HD1    H  N N 71  
BDC HD21   H  N N 72  
BDC HD22   H  N N 73  
BDC HD31   H  N N 74  
BDC HD32   H  N N 75  
BDC HD71   H  N N 76  
BDC HD72   H  N N 77  
BDC HD73   H  N N 78  
BDC HD81   H  N N 79  
BDC HD82   H  N N 80  
BDC HD83   H  N N 81  
BDC "H4'1" H  N N 82  
BDC "H4'2" H  N N 83  
BDC "H3'1" H  N N 84  
BDC "H3'2" H  N N 85  
BDC "H2'1" H  N N 86  
BDC "H2'2" H  N N 87  
BDC "H1'1" H  N N 88  
BDC "H1'2" H  N N 89  
BDC "H9'"  H  N N 90  
BDC "H5'"  H  N N 91  
BDC "H6'"  H  N N 92  
BDC "H7'"  H  N N 93  
BDC "H8'"  H  N N 94  
BDC "H1'"  H  N N 95  
BDC "H2'"  H  N N 96  
BDC "H3'"  H  N N 97  
BDC "HD1'" H  N N 98  
BDC "H'21" H  N N 99  
BDC "H'22" H  N N 100 
BDC "H'31" H  N N 101 
BDC "H'32" H  N N 102 
BDC "H'71" H  N N 103 
BDC "H'72" H  N N 104 
BDC "H'73" H  N N 105 
BDC "H'81" H  N N 106 
BDC "H'82" H  N N 107 
BDC "H'83" H  N N 108 
CO  CO     CO N N 109 
DA  OP3    O  N N 110 
DA  P      P  N N 111 
DA  OP1    O  N N 112 
DA  OP2    O  N N 113 
DA  "O5'"  O  N N 114 
DA  "C5'"  C  N N 115 
DA  "C4'"  C  N R 116 
DA  "O4'"  O  N N 117 
DA  "C3'"  C  N S 118 
DA  "O3'"  O  N N 119 
DA  "C2'"  C  N N 120 
DA  "C1'"  C  N R 121 
DA  N9     N  Y N 122 
DA  C8     C  Y N 123 
DA  N7     N  Y N 124 
DA  C5     C  Y N 125 
DA  C6     C  Y N 126 
DA  N6     N  N N 127 
DA  N1     N  Y N 128 
DA  C2     C  Y N 129 
DA  N3     N  Y N 130 
DA  C4     C  Y N 131 
DA  HOP3   H  N N 132 
DA  HOP2   H  N N 133 
DA  "H5'"  H  N N 134 
DA  "H5''" H  N N 135 
DA  "H4'"  H  N N 136 
DA  "H3'"  H  N N 137 
DA  "HO3'" H  N N 138 
DA  "H2'"  H  N N 139 
DA  "H2''" H  N N 140 
DA  "H1'"  H  N N 141 
DA  H8     H  N N 142 
DA  H61    H  N N 143 
DA  H62    H  N N 144 
DA  H2     H  N N 145 
DC  OP3    O  N N 146 
DC  P      P  N N 147 
DC  OP1    O  N N 148 
DC  OP2    O  N N 149 
DC  "O5'"  O  N N 150 
DC  "C5'"  C  N N 151 
DC  "C4'"  C  N R 152 
DC  "O4'"  O  N N 153 
DC  "C3'"  C  N S 154 
DC  "O3'"  O  N N 155 
DC  "C2'"  C  N N 156 
DC  "C1'"  C  N R 157 
DC  N1     N  N N 158 
DC  C2     C  N N 159 
DC  O2     O  N N 160 
DC  N3     N  N N 161 
DC  C4     C  N N 162 
DC  N4     N  N N 163 
DC  C5     C  N N 164 
DC  C6     C  N N 165 
DC  HOP3   H  N N 166 
DC  HOP2   H  N N 167 
DC  "H5'"  H  N N 168 
DC  "H5''" H  N N 169 
DC  "H4'"  H  N N 170 
DC  "H3'"  H  N N 171 
DC  "HO3'" H  N N 172 
DC  "H2'"  H  N N 173 
DC  "H2''" H  N N 174 
DC  "H1'"  H  N N 175 
DC  H41    H  N N 176 
DC  H42    H  N N 177 
DC  H5     H  N N 178 
DC  H6     H  N N 179 
DG  OP3    O  N N 180 
DG  P      P  N N 181 
DG  OP1    O  N N 182 
DG  OP2    O  N N 183 
DG  "O5'"  O  N N 184 
DG  "C5'"  C  N N 185 
DG  "C4'"  C  N R 186 
DG  "O4'"  O  N N 187 
DG  "C3'"  C  N S 188 
DG  "O3'"  O  N N 189 
DG  "C2'"  C  N N 190 
DG  "C1'"  C  N R 191 
DG  N9     N  Y N 192 
DG  C8     C  Y N 193 
DG  N7     N  Y N 194 
DG  C5     C  Y N 195 
DG  C6     C  N N 196 
DG  O6     O  N N 197 
DG  N1     N  N N 198 
DG  C2     C  N N 199 
DG  N2     N  N N 200 
DG  N3     N  N N 201 
DG  C4     C  Y N 202 
DG  HOP3   H  N N 203 
DG  HOP2   H  N N 204 
DG  "H5'"  H  N N 205 
DG  "H5''" H  N N 206 
DG  "H4'"  H  N N 207 
DG  "H3'"  H  N N 208 
DG  "HO3'" H  N N 209 
DG  "H2'"  H  N N 210 
DG  "H2''" H  N N 211 
DG  "H1'"  H  N N 212 
DG  H8     H  N N 213 
DG  H1     H  N N 214 
DG  H21    H  N N 215 
DG  H22    H  N N 216 
DT  OP3    O  N N 217 
DT  P      P  N N 218 
DT  OP1    O  N N 219 
DT  OP2    O  N N 220 
DT  "O5'"  O  N N 221 
DT  "C5'"  C  N N 222 
DT  "C4'"  C  N R 223 
DT  "O4'"  O  N N 224 
DT  "C3'"  C  N S 225 
DT  "O3'"  O  N N 226 
DT  "C2'"  C  N N 227 
DT  "C1'"  C  N R 228 
DT  N1     N  N N 229 
DT  C2     C  N N 230 
DT  O2     O  N N 231 
DT  N3     N  N N 232 
DT  C4     C  N N 233 
DT  O4     O  N N 234 
DT  C5     C  N N 235 
DT  C7     C  N N 236 
DT  C6     C  N N 237 
DT  HOP3   H  N N 238 
DT  HOP2   H  N N 239 
DT  "H5'"  H  N N 240 
DT  "H5''" H  N N 241 
DT  "H4'"  H  N N 242 
DT  "H3'"  H  N N 243 
DT  "HO3'" H  N N 244 
DT  "H2'"  H  N N 245 
DT  "H2''" H  N N 246 
DT  "H1'"  H  N N 247 
DT  H3     H  N N 248 
DT  H71    H  N N 249 
DT  H72    H  N N 250 
DT  H73    H  N N 251 
DT  H6     H  N N 252 
HOH O      O  N N 253 
HOH H1     H  N N 254 
HOH H2     H  N N 255 
# 
loop_
_chem_comp_bond.comp_id 
_chem_comp_bond.atom_id_1 
_chem_comp_bond.atom_id_2 
_chem_comp_bond.value_order 
_chem_comp_bond.pdbx_aromatic_flag 
_chem_comp_bond.pdbx_stereo_config 
_chem_comp_bond.pdbx_ordinal 
BDC C5    C6     doub Y N 1   
BDC C5    C14    sing Y N 2   
BDC C5    H5     sing N N 3   
BDC C6    C7     sing Y N 4   
BDC C6    H6     sing N N 5   
BDC C7    C8     doub Y N 6   
BDC C7    H7     sing N N 7   
BDC C8    C13    sing Y N 8   
BDC C8    H8     sing N N 9   
BDC C9    C13    doub Y N 10  
BDC C9    C11    sing Y N 11  
BDC C9    N9     sing N N 12  
BDC C1    C2     doub Y N 13  
BDC C1    C11    sing Y N 14  
BDC C1    H1     sing N N 15  
BDC C2    C3     sing Y N 16  
BDC C2    H2     sing N N 17  
BDC C3    C4     doub Y N 18  
BDC C3    H3     sing N N 19  
BDC C4    C12    sing Y N 20  
BDC C4    CD1    sing N N 21  
BDC C14   C13    sing Y N 22  
BDC C14   N10    doub Y N 23  
BDC C11   C12    doub Y N 24  
BDC C12   N10    sing Y N 25  
BDC N9    CE1    sing N N 26  
BDC N9    H9     sing N N 27  
BDC CD1   OD1    doub N N 28  
BDC CD1   ND1    sing N N 29  
BDC CE1   CE2    sing N N 30  
BDC CE1   HE11   sing N N 31  
BDC CE1   HE12   sing N N 32  
BDC CE3   CE2    sing N N 33  
BDC CE3   CE4    sing N N 34  
BDC CE3   HE31   sing N N 35  
BDC CE3   HE32   sing N N 36  
BDC CE2   HE21   sing N N 37  
BDC CE2   HE22   sing N N 38  
BDC CE4   CF4    sing N N 39  
BDC CE4   HE41   sing N N 40  
BDC CE4   HE42   sing N N 41  
BDC ND1   CD2    sing N N 42  
BDC ND1   HD1    sing N N 43  
BDC CD2   CD3    sing N N 44  
BDC CD2   HD21   sing N N 45  
BDC CD2   HD22   sing N N 46  
BDC CD3   ND2    sing N N 47  
BDC CD3   HD31   sing N N 48  
BDC CD3   HD32   sing N N 49  
BDC ND2   CD7    sing N N 50  
BDC ND2   CD8    sing N N 51  
BDC CD7   HD71   sing N N 52  
BDC CD7   HD72   sing N N 53  
BDC CD7   HD73   sing N N 54  
BDC CD8   HD81   sing N N 55  
BDC CD8   HD82   sing N N 56  
BDC CD8   HD83   sing N N 57  
BDC CF4   CF3    sing N N 58  
BDC CF4   "H4'1" sing N N 59  
BDC CF4   "H4'2" sing N N 60  
BDC CF3   CF2    sing N N 61  
BDC CF3   "H3'1" sing N N 62  
BDC CF3   "H3'2" sing N N 63  
BDC CF2   CF1    sing N N 64  
BDC CF2   "H2'1" sing N N 65  
BDC CF2   "H2'2" sing N N 66  
BDC CF1   "N9'"  sing N N 67  
BDC CF1   "H1'1" sing N N 68  
BDC CF1   "H1'2" sing N N 69  
BDC "N9'" "C9'"  sing N N 70  
BDC "N9'" "H9'"  sing N N 71  
BDC "C5'" "C6'"  doub Y N 72  
BDC "C5'" "CE'"  sing Y N 73  
BDC "C5'" "H5'"  sing N N 74  
BDC "C6'" "C7'"  sing Y N 75  
BDC "C6'" "H6'"  sing N N 76  
BDC "C7'" "C8'"  doub Y N 77  
BDC "C7'" "H7'"  sing N N 78  
BDC "C8'" "CD'"  sing Y N 79  
BDC "C8'" "H8'"  sing N N 80  
BDC "C9'" "CD'"  doub Y N 81  
BDC "C9'" "CB'"  sing Y N 82  
BDC "C1'" "C2'"  doub Y N 83  
BDC "C1'" "CB'"  sing Y N 84  
BDC "C1'" "H1'"  sing N N 85  
BDC "C2'" "C3'"  sing Y N 86  
BDC "C2'" "H2'"  sing N N 87  
BDC "C3'" "C4'"  doub Y N 88  
BDC "C3'" "H3'"  sing N N 89  
BDC "C4'" "CC'"  sing Y N 90  
BDC "C4'" CB1    sing N N 91  
BDC "CE'" "CD'"  sing Y N 92  
BDC "CE'" "NA'"  doub Y N 93  
BDC "CB'" "CC'"  doub Y N 94  
BDC "CC'" "NA'"  sing Y N 95  
BDC CB1   O1X    doub N N 96  
BDC CB1   NB1    sing N N 97  
BDC NB1   CB2    sing N N 98  
BDC NB1   "HD1'" sing N N 99  
BDC CB2   CB3    sing N N 100 
BDC CB2   "H'21" sing N N 101 
BDC CB2   "H'22" sing N N 102 
BDC CB3   NB2    sing N N 103 
BDC CB3   "H'31" sing N N 104 
BDC CB3   "H'32" sing N N 105 
BDC NB2   CB7    sing N N 106 
BDC NB2   CB8    sing N N 107 
BDC CB7   "H'71" sing N N 108 
BDC CB7   "H'72" sing N N 109 
BDC CB7   "H'73" sing N N 110 
BDC CB8   "H'81" sing N N 111 
BDC CB8   "H'82" sing N N 112 
BDC CB8   "H'83" sing N N 113 
DA  OP3   P      sing N N 114 
DA  OP3   HOP3   sing N N 115 
DA  P     OP1    doub N N 116 
DA  P     OP2    sing N N 117 
DA  P     "O5'"  sing N N 118 
DA  OP2   HOP2   sing N N 119 
DA  "O5'" "C5'"  sing N N 120 
DA  "C5'" "C4'"  sing N N 121 
DA  "C5'" "H5'"  sing N N 122 
DA  "C5'" "H5''" sing N N 123 
DA  "C4'" "O4'"  sing N N 124 
DA  "C4'" "C3'"  sing N N 125 
DA  "C4'" "H4'"  sing N N 126 
DA  "O4'" "C1'"  sing N N 127 
DA  "C3'" "O3'"  sing N N 128 
DA  "C3'" "C2'"  sing N N 129 
DA  "C3'" "H3'"  sing N N 130 
DA  "O3'" "HO3'" sing N N 131 
DA  "C2'" "C1'"  sing N N 132 
DA  "C2'" "H2'"  sing N N 133 
DA  "C2'" "H2''" sing N N 134 
DA  "C1'" N9     sing N N 135 
DA  "C1'" "H1'"  sing N N 136 
DA  N9    C8     sing Y N 137 
DA  N9    C4     sing Y N 138 
DA  C8    N7     doub Y N 139 
DA  C8    H8     sing N N 140 
DA  N7    C5     sing Y N 141 
DA  C5    C6     sing Y N 142 
DA  C5    C4     doub Y N 143 
DA  C6    N6     sing N N 144 
DA  C6    N1     doub Y N 145 
DA  N6    H61    sing N N 146 
DA  N6    H62    sing N N 147 
DA  N1    C2     sing Y N 148 
DA  C2    N3     doub Y N 149 
DA  C2    H2     sing N N 150 
DA  N3    C4     sing Y N 151 
DC  OP3   P      sing N N 152 
DC  OP3   HOP3   sing N N 153 
DC  P     OP1    doub N N 154 
DC  P     OP2    sing N N 155 
DC  P     "O5'"  sing N N 156 
DC  OP2   HOP2   sing N N 157 
DC  "O5'" "C5'"  sing N N 158 
DC  "C5'" "C4'"  sing N N 159 
DC  "C5'" "H5'"  sing N N 160 
DC  "C5'" "H5''" sing N N 161 
DC  "C4'" "O4'"  sing N N 162 
DC  "C4'" "C3'"  sing N N 163 
DC  "C4'" "H4'"  sing N N 164 
DC  "O4'" "C1'"  sing N N 165 
DC  "C3'" "O3'"  sing N N 166 
DC  "C3'" "C2'"  sing N N 167 
DC  "C3'" "H3'"  sing N N 168 
DC  "O3'" "HO3'" sing N N 169 
DC  "C2'" "C1'"  sing N N 170 
DC  "C2'" "H2'"  sing N N 171 
DC  "C2'" "H2''" sing N N 172 
DC  "C1'" N1     sing N N 173 
DC  "C1'" "H1'"  sing N N 174 
DC  N1    C2     sing N N 175 
DC  N1    C6     sing N N 176 
DC  C2    O2     doub N N 177 
DC  C2    N3     sing N N 178 
DC  N3    C4     doub N N 179 
DC  C4    N4     sing N N 180 
DC  C4    C5     sing N N 181 
DC  N4    H41    sing N N 182 
DC  N4    H42    sing N N 183 
DC  C5    C6     doub N N 184 
DC  C5    H5     sing N N 185 
DC  C6    H6     sing N N 186 
DG  OP3   P      sing N N 187 
DG  OP3   HOP3   sing N N 188 
DG  P     OP1    doub N N 189 
DG  P     OP2    sing N N 190 
DG  P     "O5'"  sing N N 191 
DG  OP2   HOP2   sing N N 192 
DG  "O5'" "C5'"  sing N N 193 
DG  "C5'" "C4'"  sing N N 194 
DG  "C5'" "H5'"  sing N N 195 
DG  "C5'" "H5''" sing N N 196 
DG  "C4'" "O4'"  sing N N 197 
DG  "C4'" "C3'"  sing N N 198 
DG  "C4'" "H4'"  sing N N 199 
DG  "O4'" "C1'"  sing N N 200 
DG  "C3'" "O3'"  sing N N 201 
DG  "C3'" "C2'"  sing N N 202 
DG  "C3'" "H3'"  sing N N 203 
DG  "O3'" "HO3'" sing N N 204 
DG  "C2'" "C1'"  sing N N 205 
DG  "C2'" "H2'"  sing N N 206 
DG  "C2'" "H2''" sing N N 207 
DG  "C1'" N9     sing N N 208 
DG  "C1'" "H1'"  sing N N 209 
DG  N9    C8     sing Y N 210 
DG  N9    C4     sing Y N 211 
DG  C8    N7     doub Y N 212 
DG  C8    H8     sing N N 213 
DG  N7    C5     sing Y N 214 
DG  C5    C6     sing N N 215 
DG  C5    C4     doub Y N 216 
DG  C6    O6     doub N N 217 
DG  C6    N1     sing N N 218 
DG  N1    C2     sing N N 219 
DG  N1    H1     sing N N 220 
DG  C2    N2     sing N N 221 
DG  C2    N3     doub N N 222 
DG  N2    H21    sing N N 223 
DG  N2    H22    sing N N 224 
DG  N3    C4     sing N N 225 
DT  OP3   P      sing N N 226 
DT  OP3   HOP3   sing N N 227 
DT  P     OP1    doub N N 228 
DT  P     OP2    sing N N 229 
DT  P     "O5'"  sing N N 230 
DT  OP2   HOP2   sing N N 231 
DT  "O5'" "C5'"  sing N N 232 
DT  "C5'" "C4'"  sing N N 233 
DT  "C5'" "H5'"  sing N N 234 
DT  "C5'" "H5''" sing N N 235 
DT  "C4'" "O4'"  sing N N 236 
DT  "C4'" "C3'"  sing N N 237 
DT  "C4'" "H4'"  sing N N 238 
DT  "O4'" "C1'"  sing N N 239 
DT  "C3'" "O3'"  sing N N 240 
DT  "C3'" "C2'"  sing N N 241 
DT  "C3'" "H3'"  sing N N 242 
DT  "O3'" "HO3'" sing N N 243 
DT  "C2'" "C1'"  sing N N 244 
DT  "C2'" "H2'"  sing N N 245 
DT  "C2'" "H2''" sing N N 246 
DT  "C1'" N1     sing N N 247 
DT  "C1'" "H1'"  sing N N 248 
DT  N1    C2     sing N N 249 
DT  N1    C6     sing N N 250 
DT  C2    O2     doub N N 251 
DT  C2    N3     sing N N 252 
DT  N3    C4     sing N N 253 
DT  N3    H3     sing N N 254 
DT  C4    O4     doub N N 255 
DT  C4    C5     sing N N 256 
DT  C5    C7     sing N N 257 
DT  C5    C6     doub N N 258 
DT  C7    H71    sing N N 259 
DT  C7    H72    sing N N 260 
DT  C7    H73    sing N N 261 
DT  C6    H6     sing N N 262 
HOH O     H1     sing N N 263 
HOH O     H2     sing N N 264 
# 
_ndb_struct_conf_na.entry_id   1K2L 
_ndb_struct_conf_na.feature    'b-form double helix' 
# 
loop_
_ndb_struct_na_base_pair.model_number 
_ndb_struct_na_base_pair.i_label_asym_id 
_ndb_struct_na_base_pair.i_label_comp_id 
_ndb_struct_na_base_pair.i_label_seq_id 
_ndb_struct_na_base_pair.i_symmetry 
_ndb_struct_na_base_pair.j_label_asym_id 
_ndb_struct_na_base_pair.j_label_comp_id 
_ndb_struct_na_base_pair.j_label_seq_id 
_ndb_struct_na_base_pair.j_symmetry 
_ndb_struct_na_base_pair.shear 
_ndb_struct_na_base_pair.stretch 
_ndb_struct_na_base_pair.stagger 
_ndb_struct_na_base_pair.buckle 
_ndb_struct_na_base_pair.propeller 
_ndb_struct_na_base_pair.opening 
_ndb_struct_na_base_pair.pair_number 
_ndb_struct_na_base_pair.pair_name 
_ndb_struct_na_base_pair.i_auth_asym_id 
_ndb_struct_na_base_pair.i_auth_seq_id 
_ndb_struct_na_base_pair.i_PDB_ins_code 
_ndb_struct_na_base_pair.j_auth_asym_id 
_ndb_struct_na_base_pair.j_auth_seq_id 
_ndb_struct_na_base_pair.j_PDB_ins_code 
_ndb_struct_na_base_pair.hbond_type_28 
_ndb_struct_na_base_pair.hbond_type_12 
1 A DG 2 1_555 B DC 5 1_555 -0.111 -0.184 -0.730 -25.477 -1.731 -7.410 1 A_DG2:DC5_B A 2 ? B 5 ? 19 1 
1 A DT 3 1_555 B DA 4 1_555 -0.631 -0.056 -0.519 4.634   -2.969 -5.287 2 A_DT3:DA4_B A 3 ? B 4 ? 20 1 
1 A DA 4 1_555 B DT 3 1_555 -0.058 0.071  -0.047 -3.028  4.782  -0.139 3 A_DA4:DT3_B A 4 ? B 3 ? 20 1 
1 A DC 5 1_555 B DG 2 1_555 0.358  -0.143 -0.159 11.249  6.819  0.509  4 A_DC5:DG2_B A 5 ? B 2 ? 19 1 
# 
loop_
_ndb_struct_na_base_pair_step.model_number 
_ndb_struct_na_base_pair_step.i_label_asym_id_1 
_ndb_struct_na_base_pair_step.i_label_comp_id_1 
_ndb_struct_na_base_pair_step.i_label_seq_id_1 
_ndb_struct_na_base_pair_step.i_symmetry_1 
_ndb_struct_na_base_pair_step.j_label_asym_id_1 
_ndb_struct_na_base_pair_step.j_label_comp_id_1 
_ndb_struct_na_base_pair_step.j_label_seq_id_1 
_ndb_struct_na_base_pair_step.j_symmetry_1 
_ndb_struct_na_base_pair_step.i_label_asym_id_2 
_ndb_struct_na_base_pair_step.i_label_comp_id_2 
_ndb_struct_na_base_pair_step.i_label_seq_id_2 
_ndb_struct_na_base_pair_step.i_symmetry_2 
_ndb_struct_na_base_pair_step.j_label_asym_id_2 
_ndb_struct_na_base_pair_step.j_label_comp_id_2 
_ndb_struct_na_base_pair_step.j_label_seq_id_2 
_ndb_struct_na_base_pair_step.j_symmetry_2 
_ndb_struct_na_base_pair_step.shift 
_ndb_struct_na_base_pair_step.slide 
_ndb_struct_na_base_pair_step.rise 
_ndb_struct_na_base_pair_step.tilt 
_ndb_struct_na_base_pair_step.roll 
_ndb_struct_na_base_pair_step.twist 
_ndb_struct_na_base_pair_step.x_displacement 
_ndb_struct_na_base_pair_step.y_displacement 
_ndb_struct_na_base_pair_step.helical_rise 
_ndb_struct_na_base_pair_step.inclination 
_ndb_struct_na_base_pair_step.tip 
_ndb_struct_na_base_pair_step.helical_twist 
_ndb_struct_na_base_pair_step.step_number 
_ndb_struct_na_base_pair_step.step_name 
_ndb_struct_na_base_pair_step.i_auth_asym_id_1 
_ndb_struct_na_base_pair_step.i_auth_seq_id_1 
_ndb_struct_na_base_pair_step.i_PDB_ins_code_1 
_ndb_struct_na_base_pair_step.j_auth_asym_id_1 
_ndb_struct_na_base_pair_step.j_auth_seq_id_1 
_ndb_struct_na_base_pair_step.j_PDB_ins_code_1 
_ndb_struct_na_base_pair_step.i_auth_asym_id_2 
_ndb_struct_na_base_pair_step.i_auth_seq_id_2 
_ndb_struct_na_base_pair_step.i_PDB_ins_code_2 
_ndb_struct_na_base_pair_step.j_auth_asym_id_2 
_ndb_struct_na_base_pair_step.j_auth_seq_id_2 
_ndb_struct_na_base_pair_step.j_PDB_ins_code_2 
1 A DG 2 1_555 B DC 5 1_555 A DT 3 1_555 B DA 4 1_555 -0.880 -0.289 2.537 -2.156 2.179 23.554 -1.266 1.582  2.569 5.308  5.252  
23.750 1 AA_DG2DT3:DA4DC5_BB A 2 ? B 5 ? A 3 ? B 4 ? 
1 A DT 3 1_555 B DA 4 1_555 A DA 4 1_555 B DT 3 1_555 0.239  -0.499 3.510 -3.572 4.063 39.591 -1.227 -0.787 3.411 5.965  5.243  
39.944 2 AA_DT3DA4:DT3DA4_BB A 3 ? B 4 ? A 4 ? B 3 ? 
1 A DA 4 1_555 B DT 3 1_555 A DC 5 1_555 B DG 2 1_555 0.209  -0.372 3.041 1.554  6.866 25.834 -2.438 -0.082 2.855 15.005 -3.397 
26.760 3 AA_DA4DC5:DG2DT3_BB A 4 ? B 3 ? A 5 ? B 2 ? 
# 
_atom_sites.entry_id                    1K2L 
_atom_sites.fract_transf_matrix[1][1]   0.03133882 
_atom_sites.fract_transf_matrix[1][2]   -0.00615137 
_atom_sites.fract_transf_matrix[1][3]   -0.01133892 
_atom_sites.fract_transf_matrix[2][1]   0.00708191 
_atom_sites.fract_transf_matrix[2][2]   0.00786844 
_atom_sites.fract_transf_matrix[2][3]   0.01530454 
_atom_sites.fract_transf_matrix[3][1]   -0.00019491 
_atom_sites.fract_transf_matrix[3][2]   -0.02216239 
_atom_sites.fract_transf_matrix[3][3]   0.01148442 
_atom_sites.fract_transf_vector[1]      -0.403728 
_atom_sites.fract_transf_vector[2]      0.861067 
_atom_sites.fract_transf_vector[3]      0.257867 
# 
loop_
_atom_type.symbol 
C  
CO 
N  
O  
P  
# 
loop_
_atom_site.group_PDB 
_atom_site.id 
_atom_site.type_symbol 
_atom_site.label_atom_id 
_atom_site.label_alt_id 
_atom_site.label_comp_id 
_atom_site.label_asym_id 
_atom_site.label_entity_id 
_atom_site.label_seq_id 
_atom_site.pdbx_PDB_ins_code 
_atom_site.Cartn_x 
_atom_site.Cartn_y 
_atom_site.Cartn_z 
_atom_site.occupancy 
_atom_site.B_iso_or_equiv 
_atom_site.pdbx_formal_charge 
_atom_site.auth_seq_id 
_atom_site.auth_comp_id 
_atom_site.auth_asym_id 
_atom_site.auth_atom_id 
_atom_site.pdbx_PDB_model_num 
ATOM   1   O  "O5'" . DC  A 1 1 ? 6.507   10.288  -4.290  1.00 40.82 ? 1    DC  A "O5'" 1 
ATOM   2   C  "C5'" . DC  A 1 1 ? 6.732   10.785  -2.989  1.00 40.82 ? 1    DC  A "C5'" 1 
ATOM   3   C  "C4'" . DC  A 1 1 ? 5.833   11.981  -2.682  1.00 40.82 ? 1    DC  A "C4'" 1 
ATOM   4   O  "O4'" . DC  A 1 1 ? 6.264   13.159  -3.353  1.00 40.82 ? 1    DC  A "O4'" 1 
ATOM   5   C  "C3'" . DC  A 1 1 ? 4.335   11.753  -3.030  1.00 40.82 ? 1    DC  A "C3'" 1 
ATOM   6   O  "O3'" . DC  A 1 1 ? 3.506   11.996  -1.913  1.00 40.82 ? 1    DC  A "O3'" 1 
ATOM   7   C  "C2'" . DC  A 1 1 ? 3.968   12.867  -4.021  1.00 40.82 ? 1    DC  A "C2'" 1 
ATOM   8   C  "C1'" . DC  A 1 1 ? 5.088   13.833  -3.937  1.00 40.82 ? 1    DC  A "C1'" 1 
ATOM   9   N  N1    . DC  A 1 1 ? 5.702   14.848  -4.761  1.00 40.82 ? 1    DC  A N1    1 
ATOM   10  C  C2    . DC  A 1 1 ? 5.504   16.178  -4.401  1.00 40.82 ? 1    DC  A C2    1 
ATOM   11  O  O2    . DC  A 1 1 ? 4.817   16.401  -3.403  1.00 40.82 ? 1    DC  A O2    1 
ATOM   12  N  N3    . DC  A 1 1 ? 6.071   17.137  -5.159  1.00 40.82 ? 1    DC  A N3    1 
ATOM   13  C  C4    . DC  A 1 1 ? 6.800   16.810  -6.222  1.00 40.82 ? 1    DC  A C4    1 
ATOM   14  N  N4    . DC  A 1 1 ? 7.344   17.796  -6.945  1.00 40.82 ? 1    DC  A N4    1 
ATOM   15  C  C5    . DC  A 1 1 ? 7.013   15.451  -6.606  1.00 40.82 ? 1    DC  A C5    1 
ATOM   16  C  C6    . DC  A 1 1 ? 6.442   14.505  -5.842  1.00 40.82 ? 1    DC  A C6    1 
ATOM   17  P  P     . DG  A 1 2 ? 2.467   10.988  -1.214  1.00 40.79 ? 2    DG  A P     1 
ATOM   18  O  OP1   . DG  A 1 2 ? 1.670   10.267  -2.285  1.00 40.79 ? 2    DG  A OP1   1 
ATOM   19  O  OP2   . DG  A 1 2 ? 1.681   11.778  -0.165  1.00 40.79 ? 2    DG  A OP2   1 
ATOM   20  O  "O5'" . DG  A 1 2 ? 3.428   9.978   -0.480  1.00 40.79 ? 2    DG  A "O5'" 1 
ATOM   21  C  "C5'" . DG  A 1 2 ? 4.465   10.313  0.421   1.00 40.79 ? 2    DG  A "C5'" 1 
ATOM   22  C  "C4'" . DG  A 1 2 ? 4.737   8.996   1.206   1.00 40.79 ? 2    DG  A "C4'" 1 
ATOM   23  O  "O4'" . DG  A 1 2 ? 3.460   8.515   1.712   1.00 40.79 ? 2    DG  A "O4'" 1 
ATOM   24  C  "C3'" . DG  A 1 2 ? 5.149   7.867   0.210   1.00 40.79 ? 2    DG  A "C3'" 1 
ATOM   25  O  "O3'" . DG  A 1 2 ? 6.559   7.711   0.112   1.00 40.79 ? 2    DG  A "O3'" 1 
ATOM   26  C  "C2'" . DG  A 1 2 ? 4.673   6.586   0.845   1.00 40.79 ? 2    DG  A "C2'" 1 
ATOM   27  C  "C1'" . DG  A 1 2 ? 3.530   7.038   1.723   1.00 40.79 ? 2    DG  A "C1'" 1 
ATOM   28  N  N9    . DG  A 1 2 ? 2.035   6.689   1.333   1.00 40.79 ? 2    DG  A N9    1 
ATOM   29  C  C8    . DG  A 1 2 ? 1.141   7.363   0.567   1.00 40.79 ? 2    DG  A C8    1 
ATOM   30  N  N7    . DG  A 1 2 ? -0.011  6.753   0.473   1.00 40.79 ? 2    DG  A N7    1 
ATOM   31  C  C5    . DG  A 1 2 ? 0.128   5.597   1.227   1.00 40.79 ? 2    DG  A C5    1 
ATOM   32  C  C6    . DG  A 1 2 ? -0.770  4.535   1.507   1.00 40.79 ? 2    DG  A C6    1 
ATOM   33  O  O6    . DG  A 1 2 ? -1.936  4.427   1.104   1.00 40.79 ? 2    DG  A O6    1 
ATOM   34  N  N1    . DG  A 1 2 ? -0.201  3.552   2.329   1.00 40.79 ? 2    DG  A N1    1 
ATOM   35  C  C2    . DG  A 1 2 ? 1.083   3.606   2.812   1.00 40.79 ? 2    DG  A C2    1 
ATOM   36  N  N2    . DG  A 1 2 ? 1.545   2.617   3.594   1.00 40.79 ? 2    DG  A N2    1 
ATOM   37  N  N3    . DG  A 1 2 ? 1.935   4.597   2.556   1.00 40.79 ? 2    DG  A N3    1 
ATOM   38  C  C4    . DG  A 1 2 ? 1.391   5.545   1.766   1.00 40.79 ? 2    DG  A C4    1 
ATOM   39  P  P     . DT  A 1 3 ? 7.124   6.525   -0.859  1.00 40.69 ? 3    DT  A P     1 
ATOM   40  O  OP1   . DT  A 1 3 ? 8.606   6.757   -1.100  1.00 40.69 ? 3    DT  A OP1   1 
ATOM   41  O  OP2   . DT  A 1 3 ? 6.166   6.371   -2.014  1.00 40.69 ? 3    DT  A OP2   1 
ATOM   42  O  "O5'" . DT  A 1 3 ? 7.007   5.285   0.138   1.00 40.69 ? 3    DT  A "O5'" 1 
ATOM   43  C  "C5'" . DT  A 1 3 ? 7.560   5.195   1.439   1.00 40.69 ? 3    DT  A "C5'" 1 
ATOM   44  C  "C4'" . DT  A 1 3 ? 7.357   3.771   1.974   1.00 40.69 ? 3    DT  A "C4'" 1 
ATOM   45  O  "O4'" . DT  A 1 3 ? 5.978   3.363   2.031   1.00 40.69 ? 3    DT  A "O4'" 1 
ATOM   46  C  "C3'" . DT  A 1 3 ? 8.027   2.733   1.048   1.00 40.69 ? 3    DT  A "C3'" 1 
ATOM   47  O  "O3'" . DT  A 1 3 ? 8.275   1.465   1.652   1.00 40.69 ? 3    DT  A "O3'" 1 
ATOM   48  C  "C2'" . DT  A 1 3 ? 6.922   2.405   0.050   1.00 40.69 ? 3    DT  A "C2'" 1 
ATOM   49  C  "C1'" . DT  A 1 3 ? 5.729   2.278   1.030   1.00 40.69 ? 3    DT  A "C1'" 1 
ATOM   50  N  N1    . DT  A 1 3 ? 4.369   2.471   0.540   1.00 40.69 ? 3    DT  A N1    1 
ATOM   51  C  C2    . DT  A 1 3 ? 3.346   1.661   1.004   1.00 40.69 ? 3    DT  A C2    1 
ATOM   52  O  O2    . DT  A 1 3 ? 3.555   0.780   1.820   1.00 40.69 ? 3    DT  A O2    1 
ATOM   53  N  N3    . DT  A 1 3 ? 2.103   1.921   0.482   1.00 40.69 ? 3    DT  A N3    1 
ATOM   54  C  C4    . DT  A 1 3 ? 1.775   2.896   -0.445  1.00 40.69 ? 3    DT  A C4    1 
ATOM   55  O  O4    . DT  A 1 3 ? 0.625   3.044   -0.846  1.00 40.69 ? 3    DT  A O4    1 
ATOM   56  C  C5    . DT  A 1 3 ? 2.889   3.689   -0.872  1.00 40.69 ? 3    DT  A C5    1 
ATOM   57  C  C7    . DT  A 1 3 ? 2.609   4.772   -1.881  1.00 40.69 ? 3    DT  A C7    1 
ATOM   58  C  C6    . DT  A 1 3 ? 4.102   3.457   -0.382  1.00 40.69 ? 3    DT  A C6    1 
ATOM   59  P  P     . DA  A 1 4 ? 9.041   0.261   0.793   1.00 37.15 ? 4    DA  A P     1 
ATOM   60  O  OP1   . DA  A 1 4 ? 10.306  0.000   1.531   1.00 37.15 ? 4    DA  A OP1   1 
ATOM   61  O  OP2   . DA  A 1 4 ? 8.948   0.628   -0.676  1.00 37.15 ? 4    DA  A OP2   1 
ATOM   62  O  "O5'" . DA  A 1 4 ? 7.936   -0.882  1.034   1.00 37.15 ? 4    DA  A "O5'" 1 
ATOM   63  C  "C5'" . DA  A 1 4 ? 7.348   -1.174  2.286   1.00 37.15 ? 4    DA  A "C5'" 1 
ATOM   64  C  "C4'" . DA  A 1 4 ? 6.492   -2.419  2.162   1.00 37.15 ? 4    DA  A "C4'" 1 
ATOM   65  O  "O4'" . DA  A 1 4 ? 5.174   -2.193  1.625   1.00 37.15 ? 4    DA  A "O4'" 1 
ATOM   66  C  "C3'" . DA  A 1 4 ? 7.070   -3.551  1.332   1.00 37.15 ? 4    DA  A "C3'" 1 
ATOM   67  O  "O3'" . DA  A 1 4 ? 6.745   -4.872  1.736   1.00 37.15 ? 4    DA  A "O3'" 1 
ATOM   68  C  "C2'" . DA  A 1 4 ? 6.451   -3.390  -0.050  1.00 37.15 ? 4    DA  A "C2'" 1 
ATOM   69  C  "C1'" . DA  A 1 4 ? 5.052   -2.907  0.330   1.00 37.15 ? 4    DA  A "C1'" 1 
ATOM   70  N  N9    . DA  A 1 4 ? 4.347   -1.982  -0.464  1.00 37.15 ? 4    DA  A N9    1 
ATOM   71  C  C8    . DA  A 1 4 ? 4.859   -0.837  -0.994  1.00 37.15 ? 4    DA  A C8    1 
ATOM   72  N  N7    . DA  A 1 4 ? 3.998   -0.146  -1.697  1.00 37.15 ? 4    DA  A N7    1 
ATOM   73  C  C5    . DA  A 1 4 ? 2.832   -0.898  -1.619  1.00 37.15 ? 4    DA  A C5    1 
ATOM   74  C  C6    . DA  A 1 4 ? 1.536   -0.741  -2.139  1.00 37.15 ? 4    DA  A C6    1 
ATOM   75  N  N6    . DA  A 1 4 ? 1.141   0.281   -2.889  1.00 37.15 ? 4    DA  A N6    1 
ATOM   76  N  N1    . DA  A 1 4 ? 0.612   -1.685  -1.866  1.00 37.15 ? 4    DA  A N1    1 
ATOM   77  C  C2    . DA  A 1 4 ? 0.960   -2.738  -1.110  1.00 37.15 ? 4    DA  A C2    1 
ATOM   78  N  N3    . DA  A 1 4 ? 2.150   -2.995  -0.565  1.00 37.15 ? 4    DA  A N3    1 
ATOM   79  C  C4    . DA  A 1 4 ? 3.038   -2.035  -0.860  1.00 37.15 ? 4    DA  A C4    1 
ATOM   80  P  P     . DC  A 1 5 ? 7.520   -6.128  0.992   1.00 31.00 ? 5    DC  A P     1 
ATOM   81  O  OP1   . DC  A 1 5 ? 7.560   -7.222  2.039   1.00 31.00 ? 5    DC  A OP1   1 
ATOM   82  O  OP2   . DC  A 1 5 ? 8.622   -5.605  0.157   1.00 31.00 ? 5    DC  A OP2   1 
ATOM   83  O  "O5'" . DC  A 1 5 ? 6.323   -6.589  0.021   1.00 31.00 ? 5    DC  A "O5'" 1 
ATOM   84  C  "C5'" . DC  A 1 5 ? 5.093   -7.083  0.499   1.00 31.00 ? 5    DC  A "C5'" 1 
ATOM   85  C  "C4'" . DC  A 1 5 ? 4.201   -7.323  -0.706  1.00 31.00 ? 5    DC  A "C4'" 1 
ATOM   86  O  "O4'" . DC  A 1 5 ? 3.810   -6.180  -1.422  1.00 31.00 ? 5    DC  A "O4'" 1 
ATOM   87  C  "C3'" . DC  A 1 5 ? 4.977   -8.228  -1.740  1.00 31.00 ? 5    DC  A "C3'" 1 
ATOM   88  O  "O3'" . DC  A 1 5 ? 4.103   -9.339  -2.008  1.00 31.00 ? 5    DC  A "O3'" 1 
ATOM   89  C  "C2'" . DC  A 1 5 ? 5.091   -7.410  -3.009  1.00 31.00 ? 5    DC  A "C2'" 1 
ATOM   90  C  "C1'" . DC  A 1 5 ? 4.035   -6.369  -2.863  1.00 31.00 ? 5    DC  A "C1'" 1 
ATOM   91  N  N1    . DC  A 1 5 ? 3.897   -5.021  -3.398  1.00 31.00 ? 5    DC  A N1    1 
ATOM   92  C  C2    . DC  A 1 5 ? 2.610   -4.655  -3.809  1.00 31.00 ? 5    DC  A C2    1 
ATOM   93  O  O2    . DC  A 1 5 ? 1.697   -5.484  -3.693  1.00 31.00 ? 5    DC  A O2    1 
ATOM   94  N  N3    . DC  A 1 5 ? 2.422   -3.411  -4.316  1.00 31.00 ? 5    DC  A N3    1 
ATOM   95  C  C4    . DC  A 1 5 ? 3.467   -2.583  -4.403  1.00 31.00 ? 5    DC  A C4    1 
ATOM   96  N  N4    . DC  A 1 5 ? 3.232   -1.372  -4.907  1.00 31.00 ? 5    DC  A N4    1 
ATOM   97  C  C5    . DC  A 1 5 ? 4.772   -2.956  -3.985  1.00 31.00 ? 5    DC  A C5    1 
ATOM   98  C  C6    . DC  A 1 5 ? 4.956   -4.183  -3.486  1.00 31.00 ? 5    DC  A C6    1 
ATOM   99  P  P     . DG  A 1 6 ? 4.623   -10.665 -2.779  1.00 29.27 ? 6    DG  A P     1 
ATOM   100 O  OP1   . DG  A 1 6 ? 3.695   -11.806 -2.425  1.00 29.27 ? 6    DG  A OP1   1 
ATOM   101 O  OP2   . DG  A 1 6 ? 6.097   -10.854 -2.513  1.00 29.27 ? 6    DG  A OP2   1 
ATOM   102 O  "O5'" . DG  A 1 6 ? 4.420   -10.182 -4.273  1.00 29.27 ? 6    DG  A "O5'" 1 
ATOM   103 C  "C5'" . DG  A 1 6 ? 3.280   -10.106 -5.064  1.00 29.27 ? 6    DG  A "C5'" 1 
ATOM   104 C  "C4'" . DG  A 1 6 ? 3.672   -10.084 -6.530  1.00 29.27 ? 6    DG  A "C4'" 1 
ATOM   105 O  "O4'" . DG  A 1 6 ? 4.849   -9.330  -6.798  1.00 29.27 ? 6    DG  A "O4'" 1 
ATOM   106 C  "C3'" . DG  A 1 6 ? 3.944   -11.503 -7.085  1.00 29.27 ? 6    DG  A "C3'" 1 
ATOM   107 O  "O3'" . DG  A 1 6 ? 2.756   -12.087 -7.629  1.00 29.27 ? 6    DG  A "O3'" 1 
ATOM   108 C  "C2'" . DG  A 1 6 ? 4.897   -11.256 -8.232  1.00 29.27 ? 6    DG  A "C2'" 1 
ATOM   109 C  "C1'" . DG  A 1 6 ? 5.765   -10.152 -7.622  1.00 29.27 ? 6    DG  A "C1'" 1 
ATOM   110 N  N9    . DG  A 1 6 ? 6.843   -10.481 -6.496  1.00 29.27 ? 6    DG  A N9    1 
ATOM   111 C  C8    . DG  A 1 6 ? 7.351   -11.677 -6.088  1.00 29.27 ? 6    DG  A C8    1 
ATOM   112 N  N7    . DG  A 1 6 ? 8.231   -11.585 -5.125  1.00 29.27 ? 6    DG  A N7    1 
ATOM   113 C  C5    . DG  A 1 6 ? 8.304   -10.227 -4.889  1.00 29.27 ? 6    DG  A C5    1 
ATOM   114 C  C6    . DG  A 1 6 ? 9.085   -9.508  -3.961  1.00 29.27 ? 6    DG  A C6    1 
ATOM   115 O  O6    . DG  A 1 6 ? 9.895   -9.942  -3.135  1.00 29.27 ? 6    DG  A O6    1 
ATOM   116 N  N1    . DG  A 1 6 ? 8.861   -8.146  -4.043  1.00 29.27 ? 6    DG  A N1    1 
ATOM   117 C  C2    . DG  A 1 6 ? 7.993   -7.529  -4.909  1.00 29.27 ? 6    DG  A C2    1 
ATOM   118 N  N2    . DG  A 1 6 ? 7.951   -6.190  -4.798  1.00 29.27 ? 6    DG  A N2    1 
ATOM   119 N  N3    . DG  A 1 6 ? 7.245   -8.183  -5.793  1.00 29.27 ? 6    DG  A N3    1 
ATOM   120 C  C4    . DG  A 1 6 ? 7.460   -9.522  -5.718  1.00 29.27 ? 6    DG  A C4    1 
ATOM   121 O  "O3'" . DC  B 1 1 ? -7.475  -0.104  -11.215 1.00 38.08 ? 1    DC  B "O3'" 1 
ATOM   122 P  P     . DG  B 1 2 ? -5.920  0.096   -10.738 1.00 38.08 ? 2    DG  B P     1 
ATOM   123 O  OP1   . DG  B 1 2 ? -5.936  1.092   -9.597  1.00 38.08 ? 2    DG  B OP1   1 
ATOM   124 O  OP2   . DG  B 1 2 ? -5.058  0.325   -11.939 1.00 38.08 ? 2    DG  B OP2   1 
ATOM   125 O  "O5'" . DG  B 1 2 ? -5.707  -1.370  -10.134 1.00 38.08 ? 2    DG  B "O5'" 1 
ATOM   126 C  "C5'" . DG  B 1 2 ? -6.827  -2.285  -10.125 1.00 38.08 ? 2    DG  B "C5'" 1 
ATOM   127 C  "C4'" . DG  B 1 2 ? -6.510  -3.285  -8.994  1.00 38.08 ? 2    DG  B "C4'" 1 
ATOM   128 O  "O4'" . DG  B 1 2 ? -5.164  -3.194  -8.540  1.00 38.08 ? 2    DG  B "O4'" 1 
ATOM   129 C  "C3'" . DG  B 1 2 ? -7.360  -2.716  -7.869  1.00 38.08 ? 2    DG  B "C3'" 1 
ATOM   130 O  "O3'" . DG  B 1 2 ? -8.251  -3.741  -7.471  1.00 38.08 ? 2    DG  B "O3'" 1 
ATOM   131 C  "C2'" . DG  B 1 2 ? -6.488  -2.279  -6.749  1.00 38.08 ? 2    DG  B "C2'" 1 
ATOM   132 C  "C1'" . DG  B 1 2 ? -5.148  -2.968  -7.055  1.00 38.08 ? 2    DG  B "C1'" 1 
ATOM   133 N  N9    . DG  B 1 2 ? -3.750  -2.223  -7.006  1.00 38.08 ? 2    DG  B N9    1 
ATOM   134 C  C8    . DG  B 1 2 ? -3.420  -1.043  -7.632  1.00 38.08 ? 2    DG  B C8    1 
ATOM   135 N  N7    . DG  B 1 2 ? -2.188  -0.659  -7.414  1.00 38.08 ? 2    DG  B N7    1 
ATOM   136 C  C5    . DG  B 1 2 ? -1.678  -1.656  -6.589  1.00 38.08 ? 2    DG  B C5    1 
ATOM   137 C  C6    . DG  B 1 2 ? -0.394  -1.796  -6.018  1.00 38.08 ? 2    DG  B C6    1 
ATOM   138 O  O6    . DG  B 1 2 ? 0.554   -1.005  -6.164  1.00 38.08 ? 2    DG  B O6    1 
ATOM   139 N  N1    . DG  B 1 2 ? -0.253  -2.940  -5.236  1.00 38.08 ? 2    DG  B N1    1 
ATOM   140 C  C2    . DG  B 1 2 ? -1.276  -3.845  -5.044  1.00 38.08 ? 2    DG  B C2    1 
ATOM   141 N  N2    . DG  B 1 2 ? -1.024  -4.910  -4.272  1.00 38.08 ? 2    DG  B N2    1 
ATOM   142 N  N3    . DG  B 1 2 ? -2.491  -3.729  -5.574  1.00 38.08 ? 2    DG  B N3    1 
ATOM   143 C  C4    . DG  B 1 2 ? -2.622  -2.618  -6.331  1.00 38.08 ? 2    DG  B C4    1 
ATOM   144 P  P     . DT  B 1 3 ? -9.483  -3.694  -6.362  1.00 40.47 ? 3    DT  B P     1 
ATOM   145 O  OP1   . DT  B 1 3 ? -10.147 -5.010  -6.688  1.00 40.47 ? 3    DT  B OP1   1 
ATOM   146 O  OP2   . DT  B 1 3 ? -10.280 -2.478  -5.963  1.00 40.47 ? 3    DT  B OP2   1 
ATOM   147 O  "O5'" . DT  B 1 3 ? -8.414  -3.886  -5.185  1.00 40.47 ? 3    DT  B "O5'" 1 
ATOM   148 C  "C5'" . DT  B 1 3 ? -7.808  -5.005  -4.625  1.00 40.47 ? 3    DT  B "C5'" 1 
ATOM   149 C  "C4'" . DT  B 1 3 ? -6.945  -4.694  -3.437  1.00 40.47 ? 3    DT  B "C4'" 1 
ATOM   150 O  "O4'" . DT  B 1 3 ? -5.688  -4.044  -3.564  1.00 40.47 ? 3    DT  B "O4'" 1 
ATOM   151 C  "C3'" . DT  B 1 3 ? -7.581  -4.213  -2.133  1.00 40.47 ? 3    DT  B "C3'" 1 
ATOM   152 O  "O3'" . DT  B 1 3 ? -7.478  -5.203  -1.102  1.00 40.47 ? 3    DT  B "O3'" 1 
ATOM   153 C  "C2'" . DT  B 1 3 ? -6.771  -3.022  -1.706  1.00 40.47 ? 3    DT  B "C2'" 1 
ATOM   154 C  "C1'" . DT  B 1 3 ? -5.400  -3.266  -2.332  1.00 40.47 ? 3    DT  B "C1'" 1 
ATOM   155 N  N1    . DT  B 1 3 ? -4.415  -2.290  -2.780  1.00 40.47 ? 3    DT  B N1    1 
ATOM   156 C  C2    . DT  B 1 3 ? -3.098  -2.390  -2.359  1.00 40.47 ? 3    DT  B C2    1 
ATOM   157 O  O2    . DT  B 1 3 ? -2.662  -3.254  -1.617  1.00 40.47 ? 3    DT  B O2    1 
ATOM   158 N  N3    . DT  B 1 3 ? -2.237  -1.419  -2.833  1.00 40.47 ? 3    DT  B N3    1 
ATOM   159 C  C4    . DT  B 1 3 ? -2.588  -0.379  -3.681  1.00 40.47 ? 3    DT  B C4    1 
ATOM   160 O  O4    . DT  B 1 3 ? -1.730  0.413   -4.027  1.00 40.47 ? 3    DT  B O4    1 
ATOM   161 C  C5    . DT  B 1 3 ? -3.973  -0.344  -4.071  1.00 40.47 ? 3    DT  B C5    1 
ATOM   162 C  C7    . DT  B 1 3 ? -4.376  0.783   -4.995  1.00 40.47 ? 3    DT  B C7    1 
ATOM   163 C  C6    . DT  B 1 3 ? -4.824  -1.267  -3.627  1.00 40.47 ? 3    DT  B C6    1 
ATOM   164 P  P     . DA  B 1 4 ? -8.177  -5.049  0.378   1.00 38.49 ? 4    DA  B P     1 
ATOM   165 O  OP1   . DA  B 1 4 ? -8.765  -6.353  0.831   1.00 38.49 ? 4    DA  B OP1   1 
ATOM   166 O  OP2   . DA  B 1 4 ? -8.977  -3.786  0.395   1.00 38.49 ? 4    DA  B OP2   1 
ATOM   167 O  "O5'" . DA  B 1 4 ? -6.792  -4.906  1.171   1.00 38.49 ? 4    DA  B "O5'" 1 
ATOM   168 C  "C5'" . DA  B 1 4 ? -5.758  -5.852  0.855   1.00 38.49 ? 4    DA  B "C5'" 1 
ATOM   169 C  "C4'" . DA  B 1 4 ? -4.659  -5.451  1.862   1.00 38.49 ? 4    DA  B "C4'" 1 
ATOM   170 O  "O4'" . DA  B 1 4 ? -3.918  -4.366  1.265   1.00 38.49 ? 4    DA  B "O4'" 1 
ATOM   171 C  "C3'" . DA  B 1 4 ? -5.265  -4.899  3.156   1.00 38.49 ? 4    DA  B "C3'" 1 
ATOM   172 O  "O3'" . DA  B 1 4 ? -4.887  -5.625  4.313   1.00 38.49 ? 4    DA  B "O3'" 1 
ATOM   173 C  "C2'" . DA  B 1 4 ? -4.741  -3.498  3.340   1.00 38.49 ? 4    DA  B "C2'" 1 
ATOM   174 C  "C1'" . DA  B 1 4 ? -3.594  -3.393  2.342   1.00 38.49 ? 4    DA  B "C1'" 1 
ATOM   175 N  N9    . DA  B 1 4 ? -3.350  -2.229  1.563   1.00 38.49 ? 4    DA  B N9    1 
ATOM   176 C  C8    . DA  B 1 4 ? -4.335  -1.607  0.843   1.00 38.49 ? 4    DA  B C8    1 
ATOM   177 N  N7    . DA  B 1 4 ? -3.913  -0.550  0.191   1.00 38.49 ? 4    DA  B N7    1 
ATOM   178 C  C5    . DA  B 1 4 ? -2.566  -0.487  0.512   1.00 38.49 ? 4    DA  B C5    1 
ATOM   179 C  C6    . DA  B 1 4 ? -1.557  0.418   0.130   1.00 38.49 ? 4    DA  B C6    1 
ATOM   180 N  N6    . DA  B 1 4 ? -1.809  1.449   -0.687  1.00 38.49 ? 4    DA  B N6    1 
ATOM   181 N  N1    . DA  B 1 4 ? -0.315  0.213   0.618   1.00 38.49 ? 4    DA  B N1    1 
ATOM   182 C  C2    . DA  B 1 4 ? -0.102  -0.831  1.434   1.00 38.49 ? 4    DA  B C2    1 
ATOM   183 N  N3    . DA  B 1 4 ? -0.978  -1.744  1.858   1.00 38.49 ? 4    DA  B N3    1 
ATOM   184 C  C4    . DA  B 1 4 ? -2.198  -1.512  1.356   1.00 38.49 ? 4    DA  B C4    1 
ATOM   185 P  P     . DC  B 1 5 ? -5.327  -5.257  5.845   1.00 37.37 ? 5    DC  B P     1 
ATOM   186 O  OP2   . DC  B 1 5 ? -6.603  -4.432  5.653   1.00 37.37 ? 5    DC  B OP2   1 
ATOM   187 O  "O5'" . DC  B 1 5 ? -4.227  -4.157  6.235   1.00 37.37 ? 5    DC  B "O5'" 1 
ATOM   188 C  "C5'" . DC  B 1 5 ? -2.847  -4.286  6.273   1.00 37.37 ? 5    DC  B "C5'" 1 
ATOM   189 C  "C4'" . DC  B 1 5 ? -2.163  -2.953  6.514   1.00 37.37 ? 5    DC  B "C4'" 1 
ATOM   190 O  "O4'" . DC  B 1 5 ? -2.246  -2.056  5.389   1.00 37.37 ? 5    DC  B "O4'" 1 
ATOM   191 C  "C3'" . DC  B 1 5 ? -2.834  -2.207  7.699   1.00 37.37 ? 5    DC  B "C3'" 1 
ATOM   192 O  "O3'" . DC  B 1 5 ? -1.910  -2.011  8.775   1.00 37.37 ? 5    DC  B "O3'" 1 
ATOM   193 C  "C2'" . DC  B 1 5 ? -3.158  -0.809  7.228   1.00 37.37 ? 5    DC  B "C2'" 1 
ATOM   194 C  "C1'" . DC  B 1 5 ? -2.402  -0.698  5.921   1.00 37.37 ? 5    DC  B "C1'" 1 
ATOM   195 N  N1    . DC  B 1 5 ? -2.825  0.154   4.807   1.00 37.37 ? 5    DC  B N1    1 
ATOM   196 C  C2    . DC  B 1 5 ? -1.779  0.770   4.123   1.00 37.37 ? 5    DC  B C2    1 
ATOM   197 O  O2    . DC  B 1 5 ? -0.627  0.541   4.515   1.00 37.37 ? 5    DC  B O2    1 
ATOM   198 N  N3    . DC  B 1 5 ? -2.101  1.570   3.084   1.00 37.37 ? 5    DC  B N3    1 
ATOM   199 C  C4    . DC  B 1 5 ? -3.377  1.746   2.748   1.00 37.37 ? 5    DC  B C4    1 
ATOM   200 N  N4    . DC  B 1 5 ? -3.637  2.546   1.713   1.00 37.37 ? 5    DC  B N4    1 
ATOM   201 C  C5    . DC  B 1 5 ? -4.455  1.119   3.443   1.00 37.37 ? 5    DC  B C5    1 
ATOM   202 C  C6    . DC  B 1 5 ? -4.119  0.325   4.477   1.00 37.37 ? 5    DC  B C6    1 
ATOM   203 P  P     . DG  B 1 6 ? -2.419  -1.504  10.243  1.00 38.14 ? 6    DG  B P     1 
ATOM   204 O  OP1   . DG  B 1 6 ? -1.704  -2.392  11.230  1.00 38.14 ? 6    DG  B OP1   1 
ATOM   205 O  OP2   . DG  B 1 6 ? -3.897  -1.265  10.241  1.00 38.14 ? 6    DG  B OP2   1 
ATOM   206 O  "O5'" . DG  B 1 6 ? -1.784  -0.048  10.280  1.00 38.14 ? 6    DG  B "O5'" 1 
ATOM   207 C  "C5'" . DG  B 1 6 ? -0.564  0.504   10.652  1.00 38.14 ? 6    DG  B "C5'" 1 
ATOM   208 C  "C4'" . DG  B 1 6 ? -0.828  1.934   11.155  1.00 38.14 ? 6    DG  B "C4'" 1 
ATOM   209 O  "O4'" . DG  B 1 6 ? -2.030  2.451   10.537  1.00 38.14 ? 6    DG  B "O4'" 1 
ATOM   210 C  "C3'" . DG  B 1 6 ? -1.191  1.952   12.692  1.00 38.14 ? 6    DG  B "C3'" 1 
ATOM   211 O  "O3'" . DG  B 1 6 ? -0.078  2.285   13.498  1.00 38.14 ? 6    DG  B "O3'" 1 
ATOM   212 C  "C2'" . DG  B 1 6 ? -1.934  3.277   12.824  1.00 38.14 ? 6    DG  B "C2'" 1 
ATOM   213 C  "C1'" . DG  B 1 6 ? -2.516  3.518   11.460  1.00 38.14 ? 6    DG  B "C1'" 1 
ATOM   214 N  N9    . DG  B 1 6 ? -4.058  3.543   11.119  1.00 38.14 ? 6    DG  B N9    1 
ATOM   215 C  C8    . DG  B 1 6 ? -5.091  2.884   11.709  1.00 38.14 ? 6    DG  B C8    1 
ATOM   216 N  N7    . DG  B 1 6 ? -6.243  3.146   11.160  1.00 38.14 ? 6    DG  B N7    1 
ATOM   217 C  C5    . DG  B 1 6 ? -5.951  4.040   10.138  1.00 38.14 ? 6    DG  B C5    1 
ATOM   218 C  C6    . DG  B 1 6 ? -6.786  4.685   9.189   1.00 38.14 ? 6    DG  B C6    1 
ATOM   219 O  O6    . DG  B 1 6 ? -8.015  4.619   9.021   1.00 38.14 ? 6    DG  B O6    1 
ATOM   220 N  N1    . DG  B 1 6 ? -6.028  5.503   8.352   1.00 38.14 ? 6    DG  B N1    1 
ATOM   221 C  C2    . DG  B 1 6 ? -4.675  5.697   8.388   1.00 38.14 ? 6    DG  B C2    1 
ATOM   222 N  N2    . DG  B 1 6 ? -4.146  6.531   7.485   1.00 38.14 ? 6    DG  B N2    1 
ATOM   223 N  N3    . DG  B 1 6 ? -3.893  5.093   9.277   1.00 38.14 ? 6    DG  B N3    1 
ATOM   224 C  C4    . DG  B 1 6 ? -4.604  4.294   10.102  1.00 38.14 ? 6    DG  B C4    1 
HETATM 225 CO CO    . CO  C 2 . ? 8.632   -13.339 -4.510  0.50 30.06 ? 10   CO  A CO    1 
HETATM 226 C  C5    . BDC D 3 . ? -3.197  2.423   7.631   1.00 64.70 ? 1000 BDC B C5    1 
HETATM 227 C  C6    . BDC D 3 . ? -1.862  2.674   7.630   1.00 64.70 ? 1000 BDC B C6    1 
HETATM 228 C  C7    . BDC D 3 . ? -1.321  3.495   6.617   1.00 64.70 ? 1000 BDC B C7    1 
HETATM 229 C  C8    . BDC D 3 . ? -2.072  4.035   5.657   1.00 64.70 ? 1000 BDC B C8    1 
HETATM 230 C  C9    . BDC D 3 . ? -4.264  4.383   4.585   1.00 64.70 ? 1000 BDC B C9    1 
HETATM 231 C  C1    . BDC D 3 . ? -6.489  4.580   3.717   1.00 64.70 ? 1000 BDC B C1    1 
HETATM 232 C  C2    . BDC D 3 . ? -7.815  4.291   3.771   1.00 64.70 ? 1000 BDC B C2    1 
HETATM 233 C  C3    . BDC D 3 . ? -8.331  3.473   4.789   1.00 64.70 ? 1000 BDC B C3    1 
HETATM 234 C  C4    . BDC D 3 . ? -7.530  2.938   5.755   1.00 64.70 ? 1000 BDC B C4    1 
HETATM 235 C  C14   . BDC D 3 . ? -4.026  2.978   6.628   1.00 64.70 ? 1000 BDC B C14   1 
HETATM 236 C  C13   . BDC D 3 . ? -3.451  3.793   5.632   1.00 64.70 ? 1000 BDC B C13   1 
HETATM 237 C  C11   . BDC D 3 . ? -5.595  4.064   4.682   1.00 64.70 ? 1000 BDC B C11   1 
HETATM 238 C  C12   . BDC D 3 . ? -6.127  3.224   5.725   1.00 64.70 ? 1000 BDC B C12   1 
HETATM 239 N  N10   . BDC D 3 . ? -5.337  2.689   6.687   1.00 64.70 ? 1000 BDC B N10   1 
HETATM 240 N  N9    . BDC D 3 . ? -3.692  5.161   3.637   1.00 64.70 ? 1000 BDC B N9    1 
HETATM 241 C  CD1   . BDC D 3 . ? -8.020  2.060   6.863   0.50 64.97 ? 1000 BDC B CD1   1 
HETATM 242 O  OD1   . BDC D 3 . ? -9.009  1.340   6.649   0.50 64.97 ? 1000 BDC B OD1   1 
HETATM 243 C  CE1   . BDC D 3 . ? -3.617  6.579   3.733   1.00 64.70 ? 1000 BDC B CE1   1 
HETATM 244 C  CE3   . BDC D 3 . ? -1.300  6.941   4.378   1.00 64.70 ? 1000 BDC B CE3   1 
HETATM 245 C  CE2   . BDC D 3 . ? -2.736  7.073   4.847   1.00 64.70 ? 1000 BDC B CE2   1 
HETATM 246 C  CE4   . BDC D 3 . ? -0.471  7.007   5.655   1.00 64.70 ? 1000 BDC B CE4   1 
HETATM 247 N  ND1   . BDC D 3 . ? -7.433  2.032   8.039   0.50 64.97 ? 1000 BDC B ND1   1 
HETATM 248 C  CD2   . BDC D 3 . ? -7.394  0.836   8.876   0.50 64.97 ? 1000 BDC B CD2   1 
HETATM 249 C  CD3   . BDC D 3 . ? -8.701  0.774   9.676   0.50 64.97 ? 1000 BDC B CD3   1 
HETATM 250 N  ND2   . BDC D 3 . ? -9.278  2.138   9.756   0.50 64.97 ? 1000 BDC B ND2   1 
HETATM 251 C  CD7   . BDC D 3 . ? -10.793 2.014   9.456   0.50 64.97 ? 1000 BDC B CD7   1 
HETATM 252 C  CD8   . BDC D 3 . ? -9.005  2.699   11.142  0.50 64.97 ? 1000 BDC B CD8   1 
HETATM 253 CO CO    . CO  E 2 . ? -1.598  0.970   -8.230  1.00 41.87 ? 100  CO  B CO    1 
HETATM 254 O  O     . HOH F 4 . ? 5.533   0.454   -4.886  1.00 52.43 ? 2000 HOH A O     1 
HETATM 255 O  O     . HOH F 4 . ? 6.634   -13.663 -8.190  1.00 38.77 ? 2001 HOH A O     1 
HETATM 256 O  O     . HOH F 4 . ? 4.572   -14.357 -4.017  1.00 16.85 ? 2002 HOH A O     1 
HETATM 257 O  O     . HOH F 4 . ? -1.573  7.341   -1.320  1.00 27.17 ? 2004 HOH A O     1 
HETATM 258 O  O     . HOH F 4 . ? 1.081   -4.179  1.969   1.00 32.03 ? 2007 HOH A O     1 
HETATM 259 O  O     . HOH F 4 . ? 7.820   -12.748 -2.854  1.00 31.37 ? 2009 HOH A O     1 
HETATM 260 O  O     . HOH F 4 . ? 6.819   -14.067 -5.108  1.00 15.50 ? 2010 HOH A O     1 
HETATM 261 O  O     . HOH G 4 . ? -7.904  -8.234  -1.384  1.00 24.57 ? 2003 HOH B O     1 
HETATM 262 O  O     . HOH G 4 . ? -6.132  2.080   1.199   0.50 19.03 ? 2005 HOH B O     1 
HETATM 263 O  O     . HOH G 4 . ? -8.178  -4.262  8.088   1.00 32.04 ? 2006 HOH B O     1 
HETATM 264 O  O     . HOH G 4 . ? -3.905  2.568   -1.694  1.00 30.57 ? 2008 HOH B O     1 
HETATM 265 O  O     . HOH G 4 . ? -3.338  1.932   -8.181  1.00 17.92 ? 2011 HOH B O     1 
HETATM 266 O  O     . HOH G 4 . ? -1.873  0.379   -10.060 1.00 35.57 ? 2012 HOH B O     1 
HETATM 267 O  O     . HOH G 4 . ? -1.121  1.895   -6.451  1.00 31.15 ? 2013 HOH B O     1 
HETATM 268 O  O     . HOH G 4 . ? 0.304   0.221   -8.239  1.00 23.74 ? 2014 HOH B O     1 
HETATM 269 O  O     . HOH G 4 . ? -0.750  2.720   -9.042  1.00 29.56 ? 2015 HOH B O     1 
# 
loop_
_atom_site_anisotrop.id 
_atom_site_anisotrop.type_symbol 
_atom_site_anisotrop.pdbx_label_atom_id 
_atom_site_anisotrop.pdbx_label_alt_id 
_atom_site_anisotrop.pdbx_label_comp_id 
_atom_site_anisotrop.pdbx_label_asym_id 
_atom_site_anisotrop.pdbx_label_seq_id 
_atom_site_anisotrop.pdbx_PDB_ins_code 
_atom_site_anisotrop.U[1][1] 
_atom_site_anisotrop.U[2][2] 
_atom_site_anisotrop.U[3][3] 
_atom_site_anisotrop.U[1][2] 
_atom_site_anisotrop.U[1][3] 
_atom_site_anisotrop.U[2][3] 
_atom_site_anisotrop.pdbx_auth_seq_id 
_atom_site_anisotrop.pdbx_auth_comp_id 
_atom_site_anisotrop.pdbx_auth_asym_id 
_atom_site_anisotrop.pdbx_auth_atom_id 
225 CO CO . CO C . ? 0.3954 0.4578 0.2891 -0.0871 -0.0274 -0.0719 10  CO A CO 
253 CO CO . CO E . ? 0.4902 0.3836 0.7171 -0.0384 -0.2137 0.1391  100 CO B CO 
# 
